data_8KBY
#
_entry.id   8KBY
#
_entity_poly.entity_id   1
_entity_poly.type   'polypeptide(L)'
_entity_poly.pdbx_seq_one_letter_code
;MSRWLWPWSNCVKERVCRYLLHHYLGHFFQEHLSLDQLSLDLYKGSVALRDIHLEIWSVNEVLESMESPLELVEGFVGSI
EVAVPWAALLTDHCTVRVSGLQLTLQPRRGPAPGAADSQSWASCMTTSLQLAQECLRDGLPEPSEPPQPLEGLEMFAQTI
ETVLRRIKVTFLDTVVRVEHSPGDGERGVAVEVRVQRLEYCDEAVRDPSQAPPVDVHQPPAFLHKLLQLAGVRLHYEELP
AQEEPPEPPLQIGSCSGYMELMVKLKQNEAFPGPKLEVAGQLGSLHLLLTPRQLQQLQELLSAVSLTDHEGLADKLNKSR
PLGAEDLWLIEQDLNQQLQAGAVAEPLSPDPLTNPLLNLDNTDLFFSMAGLTSSVASALSELSLSDVDLASSVRSDMASR
RLSAQAHPAGKMAPNPLLDTMRPDSLLKMTLGGVTLTLLQTSAPSSGPPDLATHFFTEFDATKDGPFGSRDFHHLRPRFQ
RACPCSHVRLTGTAVQLSWELRTGSRGRRTTSMEVHFGQLEVLECLWPRGTSEPEYTEILTFPGTLGSQASARPCAHLRH
TQILRRVPKSRPRRSVACHCHSELALDLANFQADVELGALDRLAALLRLATVPAEPPAGLLTEPLPAMEQQTVFRLSAPR
ATLRLRFPIADLRPEPDPWAGQAVRAEQLRLELSEPQFRSELSSGPGPPVPTHLELTCSDLHGIYEDGGKPPVPCLRVSK
ALDPKSTGRKYFLPQVVVTVNPQSSSTQWEVAPEKGEELELSVESPCELREPEPSPFSSKRTMYETEEMVIPGDPEEMRT
FQSRTLALSRCSLEVILPSVHIFLPSKEVYESIYNRINNDLLMWEPADLLPTPDPAAQPSGFPGPSGFWHDSFKMCKSAF
KLANCFDLTPDSDSDDEDAHFFSVGASGGPQAAAPEAPSLHLQSTFSTLVTVLKGRITALCETKDEGGKRLEAVHGELVL
DMEHGTLFSVSQYCGQPGLGYFCLEAEKATLYHRAAVDDYPLPSHLDLPSFAPPAQLAPTIYPSEEGVTERGASGRKGQG
RGPHMLSTAVRIHLDPHKNVKEFLVTLRLHKATLRHYMALPEQSWHSQLLEFLDVLDDPVLGYLPPTVITILHTHLFSCS
VDYRPLYLPVRVLITAETFTLSSNIIMDTSTFLLRFILDDSALYLSDKCEVETLDLRRDYVCVLDVDLLELVIKTWKGST
EGKLSQPLFELRCSNNVVHVHSCADSCALLVNLLQYVMSTGDLHPPPRPPSPTEIAGQKLSESPASLPSCPPVETALINQ
RDLADALLDTERSLRELAQPSGGHLPQASPISVYLFPGERSGAPPPSPPVGGPAGSLGSCSEEKEDEREEEGDGDTLDSD
EFCILDAPGLGIPPRDGEPVVTQLHPGPIVVRDGYFSRPIGSTDLLRAPAHFPVPSTRVVLREVSLVWHLYGGRDFGPHP
GHRARTGLSGPRSSPSRCSGPNRPQNSWRTQGGSGRQHHVLMEIQLSKVSFQHEVYPAEPATGPAAPSQELEERPLSRQV
FIVQELEVRDRLASSQINKFLYLHTSERMPRRAHSNMLTIKALHVAPTTNLGGPECCLRVSLMPLRLNVDQDALFFLKDF
FTSLVAGINPVVPGETSAEARPETRAQPSSPLEGQAEGVETTGSQEAPGGGHSPSPPDQQPIYFREFRFTSEVPIWLDYH
GKHVTMDQVGTFAGLLIGLAQLNCSELKLKRLCCRHGLLGVDKVLGYALNEWLQDIRKNQLPGLLGGVGPMHSVVQLFQG
FRDLLWLPIEQYRKDGRLMRGLQRGAASFGSSTASAALELSNRLVQAIQATAETVYDILSPAAPVSRSLQDKRSARRLRR
GQQPADLREGVAKAYDTVREGILDTAQTICDVASRGHEQKGLTGAVGGVIRQLPPTVVKPLILATEATSSLLGGMRNQIV
PDAHKDHALKWRSDSAQD
;
_entity_poly.pdbx_strand_id   B
#
# COMPACT_ATOMS: atom_id res chain seq x y z
N ASP A 173 2.93 72.88 31.27
CA ASP A 173 3.55 72.13 32.35
C ASP A 173 3.22 70.64 32.26
N THR A 174 4.25 69.81 32.40
CA THR A 174 4.09 68.35 32.36
C THR A 174 3.56 67.88 33.70
N VAL A 175 2.24 67.95 33.87
CA VAL A 175 1.59 67.58 35.12
C VAL A 175 1.59 66.06 35.27
N VAL A 176 2.45 65.54 36.14
CA VAL A 176 2.46 64.10 36.45
C VAL A 176 1.51 63.90 37.62
N ARG A 177 0.33 63.37 37.30
CA ARG A 177 -0.74 63.17 38.29
C ARG A 177 -1.30 61.75 38.17
N VAL A 178 -0.39 60.77 38.10
CA VAL A 178 -0.80 59.38 37.97
C VAL A 178 0.30 58.47 38.51
N GLU A 179 -0.10 57.34 39.10
CA GLU A 179 0.84 56.39 39.68
C GLU A 179 0.09 55.08 39.91
N HIS A 180 0.77 54.15 40.58
CA HIS A 180 0.13 52.91 40.99
C HIS A 180 -1.11 53.19 41.84
N SER A 181 -2.19 52.50 41.54
CA SER A 181 -3.45 52.74 42.23
C SER A 181 -4.06 51.42 42.70
N PRO A 182 -5.17 51.46 43.42
CA PRO A 182 -5.79 50.23 43.91
C PRO A 182 -6.27 49.35 42.76
N GLY A 183 -5.90 48.07 42.82
CA GLY A 183 -6.27 47.14 41.78
C GLY A 183 -6.02 45.72 42.22
N ASP A 184 -6.64 44.79 41.51
CA ASP A 184 -6.53 43.37 41.81
C ASP A 184 -5.16 42.89 41.35
N GLY A 185 -4.16 43.12 42.19
CA GLY A 185 -2.83 42.62 41.92
C GLY A 185 -2.81 41.12 41.84
N GLU A 186 -2.62 40.59 40.63
CA GLU A 186 -2.68 39.16 40.41
C GLU A 186 -1.54 38.45 41.14
N ARG A 187 -1.64 37.13 41.24
CA ARG A 187 -0.55 36.34 41.80
C ARG A 187 0.75 36.58 41.02
N GLY A 188 0.69 36.41 39.70
CA GLY A 188 1.88 36.53 38.88
C GLY A 188 2.22 37.94 38.45
N VAL A 189 1.25 38.85 38.50
CA VAL A 189 1.45 40.21 38.01
C VAL A 189 0.93 41.21 39.04
N ALA A 190 1.55 42.39 39.06
CA ALA A 190 1.14 43.46 39.96
C ALA A 190 0.26 44.45 39.21
N VAL A 191 -0.96 44.67 39.71
CA VAL A 191 -1.89 45.61 39.11
C VAL A 191 -1.45 47.01 39.52
N GLU A 192 -0.74 47.70 38.63
CA GLU A 192 -0.24 49.04 38.91
C GLU A 192 -0.22 49.82 37.60
N VAL A 193 -1.21 50.67 37.39
CA VAL A 193 -1.30 51.46 36.16
C VAL A 193 -0.34 52.63 36.29
N ARG A 194 0.89 52.44 35.82
CA ARG A 194 1.94 53.45 35.94
C ARG A 194 2.13 54.14 34.60
N VAL A 195 2.07 55.47 34.62
CA VAL A 195 2.42 56.27 33.44
C VAL A 195 3.83 56.81 33.64
N GLN A 196 4.81 56.05 33.17
CA GLN A 196 6.22 56.35 33.42
C GLN A 196 6.88 56.90 32.15
N ARG A 197 7.84 57.80 32.35
CA ARG A 197 8.60 58.42 31.26
C ARG A 197 7.67 59.09 30.24
N LEU A 198 6.60 59.70 30.74
CA LEU A 198 5.60 60.34 29.91
C LEU A 198 5.20 61.67 30.51
N GLU A 199 5.15 62.71 29.67
CA GLU A 199 4.64 64.02 30.09
C GLU A 199 3.12 63.99 29.96
N TYR A 200 2.47 63.69 31.09
CA TYR A 200 1.02 63.52 31.13
C TYR A 200 0.41 64.92 31.04
N CYS A 201 0.32 65.42 29.82
CA CYS A 201 -0.03 66.81 29.54
C CYS A 201 -1.53 66.90 29.28
N ASP A 202 -2.33 66.80 30.34
CA ASP A 202 -3.77 66.94 30.23
C ASP A 202 -4.11 68.43 30.12
N GLU A 203 -4.68 68.82 28.99
CA GLU A 203 -5.01 70.21 28.74
C GLU A 203 -6.51 70.41 28.52
N ALA A 221 -21.01 61.90 25.87
CA ALA A 221 -20.05 62.65 26.68
C ALA A 221 -18.62 62.42 26.18
N PHE A 222 -18.30 63.04 25.04
CA PHE A 222 -16.97 62.91 24.43
C PHE A 222 -16.00 63.82 25.18
N LEU A 223 -15.62 63.39 26.39
CA LEU A 223 -14.70 64.13 27.23
C LEU A 223 -13.29 63.61 26.95
N HIS A 224 -12.46 64.46 26.34
CA HIS A 224 -11.11 64.11 25.97
C HIS A 224 -10.12 64.85 26.86
N LYS A 225 -9.23 64.10 27.50
CA LYS A 225 -8.09 64.65 28.23
C LYS A 225 -6.83 64.10 27.56
N LEU A 226 -6.28 64.88 26.62
CA LEU A 226 -5.12 64.45 25.87
C LEU A 226 -3.98 64.12 26.82
N LEU A 227 -3.47 62.89 26.73
CA LEU A 227 -2.54 62.38 27.73
C LEU A 227 -1.41 61.57 27.11
N GLN A 228 -0.64 60.88 27.95
CA GLN A 228 0.39 59.95 27.49
C GLN A 228 0.48 58.83 28.53
N LEU A 229 -0.26 57.75 28.28
CA LEU A 229 -0.26 56.58 29.16
C LEU A 229 0.92 55.66 28.90
N ALA A 230 1.92 56.15 28.18
CA ALA A 230 3.12 55.38 27.89
C ALA A 230 3.83 54.96 29.18
N GLY A 231 4.26 53.70 29.22
CA GLY A 231 5.00 53.22 30.37
C GLY A 231 4.25 52.25 31.26
N VAL A 232 3.03 51.85 30.88
CA VAL A 232 2.34 50.82 31.63
C VAL A 232 3.13 49.52 31.52
N ARG A 233 3.55 49.00 32.67
CA ARG A 233 4.50 47.89 32.72
C ARG A 233 3.89 46.71 33.46
N LEU A 234 3.95 45.54 32.83
CA LEU A 234 3.61 44.28 33.48
C LEU A 234 4.90 43.60 33.97
N HIS A 235 5.55 44.27 34.93
CA HIS A 235 6.78 43.72 35.50
C HIS A 235 6.54 42.33 36.07
N TYR A 236 5.38 42.15 36.71
CA TYR A 236 4.84 40.82 37.06
C TYR A 236 5.80 40.13 38.04
N GLU A 237 5.87 38.80 38.03
CA GLU A 237 6.65 37.99 38.96
C GLU A 237 6.25 38.22 40.42
N GLU A 238 4.99 38.58 40.66
CA GLU A 238 4.57 38.94 42.02
C GLU A 238 4.42 37.71 42.91
N LEU A 239 4.10 36.55 42.33
CA LEU A 239 3.97 35.35 43.14
C LEU A 239 5.30 34.68 43.46
N PRO A 240 6.22 34.49 42.52
CA PRO A 240 7.39 33.65 42.80
C PRO A 240 8.36 34.31 43.77
N ALA A 241 8.89 33.49 44.69
CA ALA A 241 9.91 33.92 45.64
C ALA A 241 9.50 35.17 46.39
N GLN A 242 8.22 35.25 46.76
CA GLN A 242 7.65 36.43 47.41
C GLN A 242 7.94 37.69 46.59
N GLU A 243 7.33 37.76 45.41
CA GLU A 243 7.45 38.84 44.43
C GLU A 243 8.78 38.81 43.69
N GLU A 244 9.65 37.83 44.00
CA GLU A 244 10.98 37.71 43.41
C GLU A 244 11.70 39.05 43.47
N PRO A 245 11.69 39.72 44.62
CA PRO A 245 12.31 41.05 44.73
C PRO A 245 13.79 40.98 44.37
N PRO A 246 14.46 39.87 44.69
CA PRO A 246 15.87 39.75 44.27
C PRO A 246 16.06 39.81 42.76
N GLU A 247 15.13 39.25 42.00
CA GLU A 247 15.21 39.23 40.54
C GLU A 247 13.89 39.66 39.92
N PRO A 248 13.66 40.95 39.69
CA PRO A 248 12.45 41.38 38.98
C PRO A 248 12.43 40.81 37.58
N PRO A 249 11.25 40.43 37.08
CA PRO A 249 11.19 39.77 35.77
C PRO A 249 11.63 40.69 34.65
N LEU A 250 12.26 40.10 33.63
CA LEU A 250 12.77 40.88 32.51
C LEU A 250 11.65 41.51 31.70
N GLN A 251 10.51 40.82 31.59
CA GLN A 251 9.38 41.34 30.84
C GLN A 251 8.84 42.60 31.51
N ILE A 252 9.09 43.75 30.88
CA ILE A 252 8.65 45.04 31.42
C ILE A 252 8.53 46.01 30.25
N GLY A 253 7.57 46.92 30.34
CA GLY A 253 7.33 47.87 29.28
C GLY A 253 7.44 49.32 29.69
N SER A 254 8.25 50.08 28.95
CA SER A 254 8.39 51.52 29.15
C SER A 254 8.08 52.22 27.85
N CYS A 255 7.35 53.34 27.94
CA CYS A 255 6.86 54.07 26.77
C CYS A 255 6.05 53.15 25.87
N SER A 256 5.00 52.54 26.42
CA SER A 256 4.19 51.56 25.70
C SER A 256 2.96 52.23 25.09
N GLY A 257 3.22 53.24 24.28
CA GLY A 257 2.14 53.84 23.53
C GLY A 257 1.63 55.13 24.14
N TYR A 258 1.52 56.15 23.29
CA TYR A 258 1.02 57.45 23.74
C TYR A 258 -0.44 57.36 24.19
N MET A 259 -1.29 56.73 23.38
CA MET A 259 -2.74 56.68 23.64
C MET A 259 -3.31 58.06 23.91
N GLU A 260 -2.78 59.07 23.22
CA GLU A 260 -3.02 60.46 23.58
C GLU A 260 -4.47 60.87 23.41
N LEU A 261 -5.13 60.40 22.33
CA LEU A 261 -6.46 60.89 22.00
C LEU A 261 -7.44 60.67 23.14
N MET A 262 -7.43 59.47 23.73
CA MET A 262 -8.30 59.13 24.86
C MET A 262 -9.76 59.42 24.51
N VAL A 263 -10.24 58.79 23.44
CA VAL A 263 -11.56 59.09 22.91
C VAL A 263 -12.64 58.65 23.90
N LYS A 264 -13.74 59.40 23.89
CA LYS A 264 -14.95 59.11 24.67
C LYS A 264 -14.71 59.11 26.18
N LEU A 265 -15.77 58.87 26.94
CA LEU A 265 -15.71 58.87 28.39
C LEU A 265 -16.80 57.95 28.92
N LYS A 266 -17.03 58.01 30.23
CA LYS A 266 -17.99 57.13 30.87
C LYS A 266 -19.41 57.43 30.37
N GLN A 267 -20.26 56.41 30.44
CA GLN A 267 -21.65 56.54 30.02
C GLN A 267 -22.57 55.85 31.01
N LYS A 275 -19.85 50.89 25.87
CA LYS A 275 -19.45 51.33 24.54
C LYS A 275 -18.46 52.48 24.63
N LEU A 276 -17.55 52.39 25.60
CA LEU A 276 -16.49 53.40 25.76
C LEU A 276 -15.38 53.16 24.73
N GLU A 277 -15.73 53.36 23.47
CA GLU A 277 -14.77 53.21 22.39
C GLU A 277 -13.64 54.23 22.55
N VAL A 278 -12.42 53.80 22.27
CA VAL A 278 -11.24 54.65 22.37
C VAL A 278 -10.43 54.52 21.09
N ALA A 279 -10.17 55.64 20.44
CA ALA A 279 -9.21 55.70 19.35
C ALA A 279 -7.85 56.07 19.94
N GLY A 280 -6.88 55.18 19.81
CA GLY A 280 -5.66 55.27 20.58
C GLY A 280 -4.41 55.25 19.73
N GLN A 281 -3.30 55.64 20.38
CA GLN A 281 -1.99 55.52 19.76
C GLN A 281 -1.17 54.44 20.46
N LEU A 282 -1.84 53.57 21.22
CA LEU A 282 -1.19 52.45 21.90
C LEU A 282 -1.96 51.18 21.57
N GLY A 283 -1.24 50.16 21.09
CA GLY A 283 -1.91 48.93 20.70
C GLY A 283 -2.22 48.02 21.88
N SER A 284 -1.19 47.52 22.56
CA SER A 284 -1.35 46.57 23.66
C SER A 284 0.02 46.26 24.23
N LEU A 285 0.02 45.61 25.40
CA LEU A 285 1.23 45.11 26.02
C LEU A 285 1.31 43.59 25.85
N HIS A 286 2.45 43.02 26.20
CA HIS A 286 2.69 41.57 26.09
C HIS A 286 3.15 41.04 27.43
N LEU A 287 2.38 40.11 27.98
CA LEU A 287 2.77 39.40 29.20
C LEU A 287 3.67 38.23 28.79
N LEU A 288 4.98 38.47 28.77
CA LEU A 288 5.91 37.43 28.35
C LEU A 288 5.89 36.24 29.32
N LEU A 289 5.43 36.45 30.55
CA LEU A 289 5.16 35.33 31.44
C LEU A 289 4.12 34.42 30.81
N THR A 290 3.97 33.22 31.38
CA THR A 290 3.27 32.14 30.69
C THR A 290 1.88 32.57 30.21
N PRO A 291 1.67 32.60 28.89
CA PRO A 291 0.38 33.00 28.34
C PRO A 291 -0.68 31.91 28.35
N ARG A 292 -0.40 30.79 29.02
CA ARG A 292 -1.36 29.70 29.16
C ARG A 292 -2.14 29.77 30.48
N GLN A 293 -1.44 29.93 31.60
CA GLN A 293 -2.07 29.88 32.91
C GLN A 293 -2.01 31.20 33.67
N LEU A 294 -0.82 31.75 33.89
CA LEU A 294 -0.71 32.92 34.76
C LEU A 294 -1.34 34.16 34.11
N GLN A 295 -0.98 34.44 32.86
CA GLN A 295 -1.55 35.60 32.18
C GLN A 295 -3.05 35.42 31.95
N GLN A 296 -3.47 34.19 31.63
CA GLN A 296 -4.89 33.92 31.44
C GLN A 296 -5.67 34.16 32.72
N LEU A 297 -5.14 33.69 33.86
CA LEU A 297 -5.82 33.89 35.13
C LEU A 297 -5.84 35.36 35.53
N GLN A 298 -4.75 36.07 35.26
CA GLN A 298 -4.73 37.51 35.52
C GLN A 298 -5.80 38.23 34.71
N GLU A 299 -5.91 37.89 33.41
CA GLU A 299 -6.91 38.52 32.56
C GLU A 299 -8.32 38.19 33.03
N LEU A 300 -8.56 36.93 33.41
CA LEU A 300 -9.88 36.53 33.88
C LEU A 300 -10.26 37.27 35.16
N LEU A 301 -9.31 37.37 36.09
CA LEU A 301 -9.58 38.07 37.34
C LEU A 301 -9.82 39.55 37.11
N SER A 302 -9.04 40.17 36.22
CA SER A 302 -9.23 41.59 35.93
C SER A 302 -10.58 41.84 35.27
N ALA A 303 -10.95 41.01 34.29
CA ALA A 303 -12.22 41.22 33.58
C ALA A 303 -13.41 40.94 34.49
N VAL A 304 -13.34 39.87 35.28
CA VAL A 304 -14.43 39.45 36.16
C VAL A 304 -15.72 39.22 35.36
N ASP A 424 -20.56 45.32 29.83
CA ASP A 424 -20.29 46.41 28.90
C ASP A 424 -19.91 45.88 27.52
N SER A 425 -19.88 46.78 26.54
CA SER A 425 -19.53 46.45 25.17
C SER A 425 -18.54 47.46 24.60
N LEU A 426 -17.51 47.79 25.38
CA LEU A 426 -16.54 48.78 24.95
C LEU A 426 -15.83 48.33 23.68
N LEU A 427 -15.55 49.28 22.80
CA LEU A 427 -14.80 49.03 21.58
C LEU A 427 -13.48 49.77 21.66
N LYS A 428 -12.65 49.62 20.63
CA LYS A 428 -11.36 50.29 20.58
C LYS A 428 -10.88 50.29 19.13
N MET A 429 -9.89 51.16 18.86
CA MET A 429 -9.28 51.21 17.53
C MET A 429 -7.82 51.61 17.72
N THR A 430 -6.93 50.60 17.77
CA THR A 430 -5.51 50.83 17.93
C THR A 430 -4.88 51.22 16.60
N LEU A 431 -3.57 51.43 16.60
CA LEU A 431 -2.85 51.96 15.44
C LEU A 431 -1.98 50.93 14.72
N GLY A 432 -1.04 50.28 15.39
CA GLY A 432 0.00 49.58 14.68
C GLY A 432 0.30 48.14 15.03
N GLY A 433 -0.45 47.55 15.96
CA GLY A 433 -0.29 46.13 16.19
C GLY A 433 1.02 45.72 16.82
N VAL A 434 1.18 46.01 18.12
CA VAL A 434 2.41 45.75 18.85
C VAL A 434 2.88 44.31 18.66
N THR A 435 4.20 44.12 18.67
CA THR A 435 4.81 42.82 18.41
C THR A 435 4.88 42.02 19.72
N LEU A 436 3.73 41.51 20.14
CA LEU A 436 3.68 40.73 21.37
C LEU A 436 4.63 39.54 21.29
N THR A 437 5.27 39.23 22.42
CA THR A 437 6.24 38.15 22.49
C THR A 437 6.01 37.32 23.75
N LEU A 438 4.75 36.99 24.02
CA LEU A 438 4.43 36.10 25.14
C LEU A 438 5.10 34.75 24.93
N LEU A 439 6.06 34.42 25.79
CA LEU A 439 6.87 33.22 25.65
C LEU A 439 6.36 32.15 26.61
N GLN A 440 5.74 31.12 26.05
CA GLN A 440 5.22 29.99 26.81
C GLN A 440 4.77 28.89 25.87
N LEU A 451 13.62 41.19 27.35
CA LEU A 451 13.28 42.50 26.81
C LEU A 451 12.48 42.37 25.53
N ALA A 452 12.05 41.15 25.23
CA ALA A 452 11.16 40.93 24.09
C ALA A 452 9.81 41.59 24.32
N THR A 453 9.27 41.45 25.53
CA THR A 453 8.09 42.20 25.93
C THR A 453 8.34 43.70 25.93
N HIS A 454 9.58 44.13 26.18
CA HIS A 454 9.91 45.54 26.02
C HIS A 454 9.86 45.95 24.56
N PHE A 455 10.27 45.07 23.65
CA PHE A 455 10.08 45.34 22.22
C PHE A 455 8.60 45.41 21.87
N PHE A 456 7.78 44.57 22.52
CA PHE A 456 6.34 44.64 22.31
C PHE A 456 5.78 45.98 22.78
N THR A 457 6.26 46.47 23.93
CA THR A 457 5.85 47.80 24.40
C THR A 457 6.31 48.91 23.45
N GLU A 458 7.54 48.80 22.93
CA GLU A 458 8.01 49.78 21.96
C GLU A 458 7.16 49.76 20.69
N PHE A 459 6.72 48.57 20.27
CA PHE A 459 5.82 48.46 19.13
C PHE A 459 4.43 49.01 19.44
N ASP A 460 3.98 48.86 20.69
CA ASP A 460 2.77 49.55 21.14
C ASP A 460 2.92 51.06 21.06
N ALA A 461 4.12 51.57 21.34
CA ALA A 461 4.40 52.97 21.05
C ALA A 461 4.31 53.25 19.57
N THR A 462 4.76 52.29 18.74
CA THR A 462 4.52 52.37 17.31
C THR A 462 3.06 52.04 16.99
N LYS A 463 2.35 51.44 17.94
CA LYS A 463 0.94 51.11 17.75
C LYS A 463 0.04 52.11 18.46
N PRO A 484 15.59 34.02 15.26
CA PRO A 484 15.97 32.61 15.18
C PRO A 484 14.97 31.69 15.86
N CYS A 485 14.77 31.89 17.16
CA CYS A 485 13.82 31.11 17.94
C CYS A 485 13.36 31.95 19.11
N SER A 486 12.36 31.45 19.84
CA SER A 486 11.76 32.18 20.95
C SER A 486 11.21 33.53 20.50
N HIS A 487 10.81 33.60 19.23
CA HIS A 487 10.35 34.83 18.61
C HIS A 487 8.86 34.77 18.27
N VAL A 488 8.05 34.20 19.15
CA VAL A 488 6.60 34.20 18.97
C VAL A 488 6.15 35.65 18.89
N ARG A 489 5.58 36.04 17.75
CA ARG A 489 5.22 37.42 17.51
C ARG A 489 3.83 37.51 16.91
N LEU A 490 2.96 38.25 17.57
CA LEU A 490 1.63 38.57 17.03
C LEU A 490 1.62 40.06 16.72
N THR A 491 2.11 40.41 15.54
CA THR A 491 2.30 41.79 15.11
C THR A 491 1.55 42.06 13.80
N GLY A 492 0.29 42.47 13.91
CA GLY A 492 -0.37 43.03 12.74
C GLY A 492 0.15 44.43 12.48
N THR A 493 0.91 44.60 11.39
CA THR A 493 1.59 45.87 11.14
C THR A 493 0.60 47.03 11.12
N ALA A 494 -0.50 46.88 10.38
CA ALA A 494 -1.58 47.86 10.37
C ALA A 494 -2.76 47.29 11.13
N VAL A 495 -2.72 47.42 12.46
CA VAL A 495 -3.74 46.82 13.31
C VAL A 495 -5.12 47.37 12.97
N GLN A 496 -6.01 46.48 12.56
CA GLN A 496 -7.42 46.78 12.40
C GLN A 496 -8.23 46.12 13.51
N LEU A 497 -7.67 46.07 14.71
CA LEU A 497 -8.31 45.37 15.81
C LEU A 497 -9.55 46.14 16.27
N SER A 498 -10.67 45.44 16.37
CA SER A 498 -11.91 46.00 16.87
C SER A 498 -12.28 45.19 18.12
N TRP A 499 -11.75 45.62 19.27
CA TRP A 499 -11.98 44.89 20.50
C TRP A 499 -13.44 45.00 20.90
N GLU A 500 -14.26 44.03 20.48
CA GLU A 500 -15.68 44.07 20.78
C GLU A 500 -15.93 44.11 22.28
N LEU A 501 -15.20 43.29 23.04
CA LEU A 501 -15.16 43.38 24.51
C LEU A 501 -16.56 43.40 25.10
N ARG A 502 -17.43 42.50 24.62
CA ARG A 502 -18.78 42.41 25.16
C ARG A 502 -18.73 41.75 26.52
N THR A 503 -18.52 42.56 27.57
CA THR A 503 -18.34 42.05 28.92
C THR A 503 -19.58 41.36 29.46
N GLY A 504 -20.73 41.51 28.82
CA GLY A 504 -21.95 40.87 29.28
C GLY A 504 -22.17 39.50 28.67
N ARG A 508 -18.08 37.10 33.26
CA ARG A 508 -18.73 36.52 32.09
C ARG A 508 -18.58 37.45 30.89
N ARG A 509 -17.34 37.75 30.52
CA ARG A 509 -17.02 38.71 29.46
C ARG A 509 -17.01 37.98 28.12
N THR A 510 -18.18 37.83 27.50
CA THR A 510 -18.28 37.18 26.20
C THR A 510 -17.67 38.13 25.17
N THR A 511 -16.34 38.22 25.21
CA THR A 511 -15.64 39.19 24.36
C THR A 511 -15.55 38.66 22.93
N SER A 512 -14.96 39.49 22.08
CA SER A 512 -14.75 39.17 20.67
C SER A 512 -13.78 40.18 20.11
N MET A 513 -13.19 39.85 18.95
CA MET A 513 -12.25 40.74 18.30
C MET A 513 -12.12 40.34 16.83
N GLU A 514 -12.41 41.29 15.94
CA GLU A 514 -12.32 41.06 14.50
C GLU A 514 -11.24 42.01 13.95
N VAL A 515 -10.26 41.44 13.26
CA VAL A 515 -9.15 42.20 12.71
C VAL A 515 -9.11 41.98 11.20
N HIS A 516 -8.40 42.87 10.50
CA HIS A 516 -8.22 42.75 9.05
C HIS A 516 -6.78 42.43 8.67
N PHE A 517 -5.95 42.06 9.64
CA PHE A 517 -4.55 41.74 9.42
C PHE A 517 -4.18 40.51 10.24
N GLY A 518 -2.95 40.03 10.05
CA GLY A 518 -2.53 38.81 10.72
C GLY A 518 -1.12 38.95 11.26
N GLN A 519 -0.77 38.00 12.13
CA GLN A 519 0.49 38.01 12.85
C GLN A 519 1.56 37.28 12.03
N LEU A 520 2.70 37.03 12.67
CA LEU A 520 3.77 36.22 12.07
C LEU A 520 4.41 35.43 13.21
N GLU A 521 3.94 34.21 13.40
CA GLU A 521 4.18 33.45 14.62
C GLU A 521 5.28 32.42 14.41
N VAL A 522 6.51 32.86 14.64
CA VAL A 522 7.61 31.91 14.76
C VAL A 522 7.58 31.36 16.17
N LEU A 523 6.82 30.29 16.37
CA LEU A 523 6.63 29.72 17.70
C LEU A 523 7.73 28.71 17.97
N GLU A 524 8.52 28.96 19.02
CA GLU A 524 9.75 28.22 19.22
C GLU A 524 10.04 28.13 20.72
N CYS A 525 11.29 27.82 21.06
CA CYS A 525 11.70 27.54 22.42
C CYS A 525 11.42 28.72 23.35
N LEU A 526 11.58 28.46 24.65
CA LEU A 526 11.42 29.50 25.67
C LEU A 526 12.52 30.55 25.57
N GLU A 535 17.16 27.50 12.75
CA GLU A 535 17.22 26.77 11.49
C GLU A 535 15.94 26.96 10.69
N TYR A 536 15.22 28.05 10.98
CA TYR A 536 13.93 28.34 10.36
C TYR A 536 12.98 27.16 10.52
N THR A 537 13.02 26.60 11.74
CA THR A 537 12.34 25.36 12.05
C THR A 537 10.95 25.56 12.66
N GLU A 538 10.42 26.77 12.62
CA GLU A 538 9.09 27.06 13.16
C GLU A 538 8.21 27.61 12.03
N ILE A 539 6.91 27.71 12.33
CA ILE A 539 5.94 28.23 11.37
C ILE A 539 6.31 29.67 11.03
N LEU A 540 5.91 30.12 9.85
CA LEU A 540 6.25 31.46 9.35
C LEU A 540 5.01 32.11 8.73
N THR A 541 3.88 32.01 9.42
CA THR A 541 2.62 32.54 8.91
C THR A 541 2.77 34.03 8.56
N PHE A 542 2.26 34.40 7.39
CA PHE A 542 2.37 35.78 6.94
C PHE A 542 1.04 36.28 6.39
N PRO A 543 -0.06 36.04 7.10
CA PRO A 543 -1.35 36.57 6.65
C PRO A 543 -1.38 38.10 6.71
N GLY A 544 -1.73 38.71 5.59
CA GLY A 544 -1.76 40.15 5.51
C GLY A 544 -2.63 40.68 4.39
N THR A 545 -3.43 41.70 4.67
CA THR A 545 -4.24 42.33 3.65
C THR A 545 -3.47 43.42 2.93
N ARG A 553 -9.64 42.94 4.13
CA ARG A 553 -9.80 42.27 5.41
C ARG A 553 -9.81 40.75 5.25
N PRO A 554 -10.40 40.27 4.14
CA PRO A 554 -10.45 38.82 3.91
C PRO A 554 -9.08 38.17 3.84
N CYS A 555 -8.07 38.89 3.36
CA CYS A 555 -6.74 38.29 3.16
C CYS A 555 -6.19 37.72 4.46
N ALA A 556 -6.29 38.48 5.54
CA ALA A 556 -5.95 38.02 6.88
C ALA A 556 -7.10 38.39 7.82
N HIS A 557 -8.10 37.52 7.90
CA HIS A 557 -9.28 37.80 8.69
C HIS A 557 -9.11 37.14 10.06
N LEU A 558 -8.20 37.70 10.84
CA LEU A 558 -8.02 37.24 12.22
C LEU A 558 -9.27 37.55 13.02
N ARG A 559 -9.75 36.56 13.78
CA ARG A 559 -11.05 36.67 14.43
C ARG A 559 -11.06 35.94 15.76
N HIS A 560 -11.42 36.67 16.83
CA HIS A 560 -11.73 36.09 18.14
C HIS A 560 -10.52 35.42 18.78
N THR A 561 -9.41 36.16 18.86
CA THR A 561 -8.13 35.56 19.26
C THR A 561 -8.19 34.98 20.67
N GLN A 562 -8.78 35.72 21.61
CA GLN A 562 -8.78 35.30 23.01
C GLN A 562 -10.15 35.55 23.62
N ILE A 563 -10.53 34.70 24.58
CA ILE A 563 -11.73 34.91 25.39
C ILE A 563 -11.39 34.96 26.88
N LEU A 564 -10.86 33.86 27.42
CA LEU A 564 -10.46 33.77 28.83
C LEU A 564 -11.61 34.18 29.76
N ARG A 565 -12.83 33.81 29.40
CA ARG A 565 -14.02 34.22 30.12
C ARG A 565 -14.89 33.01 30.46
N ARG A 566 -15.45 33.01 31.68
CA ARG A 566 -16.23 31.88 32.16
C ARG A 566 -17.56 31.75 31.42
N VAL A 567 -17.96 32.76 30.66
CA VAL A 567 -19.22 32.70 29.92
C VAL A 567 -19.06 31.76 28.74
N PRO A 568 -18.00 31.90 27.95
CA PRO A 568 -17.85 30.99 26.79
C PRO A 568 -17.59 29.54 27.20
N LYS A 569 -16.65 29.32 28.11
CA LYS A 569 -16.37 27.99 28.64
C LYS A 569 -16.53 27.97 30.15
N SER A 570 -17.05 26.88 30.67
CA SER A 570 -17.23 26.72 32.11
C SER A 570 -17.42 25.24 32.47
N ALA A 577 -7.24 26.03 30.72
CA ALA A 577 -6.59 27.26 31.17
C ALA A 577 -7.57 28.14 31.94
N CYS A 578 -7.93 29.27 31.34
CA CYS A 578 -8.88 30.21 31.93
C CYS A 578 -10.27 30.09 31.31
N HIS A 579 -10.67 28.87 30.91
CA HIS A 579 -11.99 28.61 30.35
C HIS A 579 -12.26 29.47 29.12
N CYS A 580 -11.42 29.30 28.10
CA CYS A 580 -11.50 30.17 26.93
C CYS A 580 -12.71 29.83 26.07
N HIS A 581 -12.80 28.59 25.59
CA HIS A 581 -13.73 28.21 24.51
C HIS A 581 -13.49 29.06 23.27
N SER A 582 -12.23 29.40 23.03
CA SER A 582 -11.89 30.38 22.00
C SER A 582 -12.08 29.77 20.62
N GLU A 583 -13.25 30.01 20.03
CA GLU A 583 -13.52 29.61 18.65
C GLU A 583 -12.82 30.62 17.75
N LEU A 584 -11.52 30.42 17.56
CA LEU A 584 -10.73 31.24 16.65
C LEU A 584 -10.93 30.73 15.22
N ALA A 585 -12.20 30.70 14.81
CA ALA A 585 -12.57 30.25 13.48
C ALA A 585 -12.23 31.35 12.46
N LEU A 586 -10.92 31.48 12.21
CA LEU A 586 -10.42 32.43 11.22
C LEU A 586 -10.88 31.96 9.85
N ASP A 587 -11.69 32.79 9.18
CA ASP A 587 -12.20 32.45 7.85
C ASP A 587 -11.66 33.49 6.87
N LEU A 588 -10.44 33.25 6.40
CA LEU A 588 -9.82 34.06 5.35
C LEU A 588 -10.13 33.43 4.00
N ALA A 589 -9.80 34.15 2.92
CA ALA A 589 -10.09 33.67 1.58
C ALA A 589 -9.00 34.05 0.58
N ASN A 590 -7.78 34.36 1.05
CA ASN A 590 -6.73 34.82 0.16
C ASN A 590 -5.44 34.08 0.44
N PHE A 591 -4.36 34.55 -0.22
CA PHE A 591 -3.09 33.84 -0.19
C PHE A 591 -2.68 33.46 1.23
N GLN A 592 -2.46 34.45 2.09
CA GLN A 592 -2.10 34.23 3.50
C GLN A 592 -1.06 33.12 3.65
N ALA A 593 0.09 33.29 2.98
CA ALA A 593 1.03 32.19 2.84
C ALA A 593 1.68 31.82 4.17
N ASP A 594 1.58 30.55 4.53
CA ASP A 594 2.37 29.95 5.60
C ASP A 594 3.60 29.32 4.95
N VAL A 595 4.60 30.16 4.67
CA VAL A 595 5.66 29.78 3.74
C VAL A 595 6.44 28.56 4.23
N GLU A 596 6.77 28.54 5.52
CA GLU A 596 7.60 27.47 6.08
C GLU A 596 6.96 26.92 7.33
N LEU A 597 7.01 25.61 7.52
CA LEU A 597 6.49 25.03 8.74
C LEU A 597 7.37 23.86 9.13
N GLY A 598 8.32 24.06 10.05
CA GLY A 598 9.19 22.97 10.37
C GLY A 598 8.51 21.76 10.97
N ALA A 599 7.58 21.91 11.92
CA ALA A 599 6.87 20.70 12.38
C ALA A 599 5.48 20.80 13.00
N LEU A 600 4.62 19.79 12.79
CA LEU A 600 3.35 19.71 13.51
C LEU A 600 3.49 19.44 15.01
N ASP A 601 4.39 18.55 15.38
CA ASP A 601 4.61 18.23 16.79
C ASP A 601 5.14 19.39 17.63
N ARG A 602 6.07 20.14 17.07
CA ARG A 602 6.63 21.29 17.77
C ARG A 602 5.48 22.23 18.00
N LEU A 603 4.27 21.75 17.72
CA LEU A 603 3.08 22.57 17.89
C LEU A 603 2.17 22.02 18.97
N ALA A 604 2.14 20.69 19.14
CA ALA A 604 1.39 20.09 20.23
C ALA A 604 2.07 20.29 21.57
N ALA A 605 3.40 20.23 21.61
CA ALA A 605 4.13 20.42 22.86
C ALA A 605 3.98 21.84 23.39
N LEU A 606 4.23 22.83 22.53
CA LEU A 606 4.11 24.23 22.93
C LEU A 606 2.69 24.63 23.29
N LEU A 607 1.70 23.82 22.94
CA LEU A 607 0.30 24.08 23.26
C LEU A 607 -0.16 23.35 24.51
N ARG A 608 0.26 22.10 24.70
CA ARG A 608 -0.09 21.36 25.91
C ARG A 608 0.80 21.76 27.07
N LEU A 609 2.10 21.53 26.95
CA LEU A 609 3.05 22.11 27.88
C LEU A 609 3.29 23.57 27.51
N ALA A 610 4.00 24.28 28.38
CA ALA A 610 4.40 25.64 28.04
C ALA A 610 5.29 25.60 26.82
N THR A 611 6.52 25.10 26.98
CA THR A 611 7.42 24.84 25.86
C THR A 611 8.61 24.05 26.38
N VAL A 612 9.06 23.07 25.59
CA VAL A 612 10.27 22.33 25.94
C VAL A 612 11.14 22.21 24.69
N PRO A 613 11.28 23.26 23.91
CA PRO A 613 12.27 23.26 22.82
C PRO A 613 13.57 23.91 23.26
N ALA A 614 14.57 23.91 22.39
CA ALA A 614 15.84 24.54 22.68
C ALA A 614 16.41 25.10 21.38
N GLU A 615 17.70 25.47 21.40
CA GLU A 615 18.35 25.96 20.20
C GLU A 615 18.27 24.96 19.05
N PRO A 616 18.48 23.65 19.26
CA PRO A 616 18.36 22.53 18.32
C PRO A 616 19.04 22.78 16.97
N GLU A 629 -10.58 24.90 31.30
CA GLU A 629 -11.24 23.82 30.59
C GLU A 629 -11.70 24.27 29.20
N GLN A 630 -10.83 24.98 28.49
CA GLN A 630 -11.20 25.49 27.18
C GLN A 630 -11.25 24.36 26.15
N GLN A 631 -11.97 24.62 25.06
CA GLN A 631 -12.04 23.71 23.91
C GLN A 631 -11.72 24.54 22.67
N THR A 632 -10.44 24.63 22.35
CA THR A 632 -9.98 25.44 21.21
C THR A 632 -10.48 24.80 19.93
N VAL A 633 -11.51 25.40 19.33
CA VAL A 633 -12.07 24.95 18.06
C VAL A 633 -11.50 25.90 17.01
N PHE A 634 -10.60 25.38 16.19
CA PHE A 634 -9.85 26.21 15.25
C PHE A 634 -10.29 25.83 13.84
N ARG A 635 -11.21 26.61 13.28
CA ARG A 635 -11.79 26.36 11.96
C ARG A 635 -11.18 27.30 10.93
N LEU A 636 -11.07 26.83 9.69
CA LEU A 636 -10.44 27.61 8.62
C LEU A 636 -10.95 27.08 7.28
N SER A 637 -11.77 27.89 6.59
CA SER A 637 -12.27 27.56 5.26
C SER A 637 -11.96 28.69 4.28
N ALA A 638 -11.49 28.33 3.09
CA ALA A 638 -11.18 29.30 2.05
C ALA A 638 -11.15 28.57 0.72
N PRO A 639 -11.32 29.28 -0.40
CA PRO A 639 -11.02 28.70 -1.70
C PRO A 639 -9.53 28.62 -1.97
N ARG A 640 -8.79 29.64 -1.53
CA ARG A 640 -7.37 29.74 -1.81
C ARG A 640 -6.63 30.20 -0.56
N ALA A 641 -5.61 29.45 -0.15
CA ALA A 641 -4.67 29.88 0.87
C ALA A 641 -3.36 29.12 0.69
N THR A 642 -2.35 29.79 0.14
CA THR A 642 -1.06 29.15 -0.11
C THR A 642 -0.52 28.54 1.18
N LEU A 643 -0.01 27.31 1.12
CA LEU A 643 0.43 26.62 2.34
C LEU A 643 1.56 25.61 2.17
N ARG A 644 2.34 25.39 3.22
CA ARG A 644 3.39 24.36 3.21
C ARG A 644 3.15 23.41 4.36
N LEU A 645 3.19 22.11 4.11
CA LEU A 645 3.07 21.16 5.20
C LEU A 645 4.33 20.33 5.29
N ARG A 646 4.90 20.23 6.47
CA ARG A 646 6.11 19.47 6.67
C ARG A 646 5.84 18.56 7.83
N PHE A 647 6.42 17.38 7.82
CA PHE A 647 6.10 16.43 8.87
C PHE A 647 6.76 16.74 10.17
N PRO A 648 6.29 16.06 11.21
CA PRO A 648 7.03 16.23 12.47
C PRO A 648 7.98 15.10 12.79
N ILE A 649 9.29 15.39 12.79
CA ILE A 649 10.32 14.46 13.25
C ILE A 649 11.16 15.20 14.28
N ALA A 650 10.81 15.06 15.55
CA ALA A 650 11.46 15.80 16.63
C ALA A 650 12.26 14.85 17.51
N ASP A 651 13.36 15.38 18.06
CA ASP A 651 14.22 14.58 18.92
C ASP A 651 13.48 14.14 20.18
N LEU A 652 12.67 15.03 20.76
CA LEU A 652 11.99 14.71 22.01
C LEU A 652 10.94 13.62 21.83
N ARG A 653 10.29 13.57 20.68
CA ARG A 653 9.27 12.56 20.41
C ARG A 653 9.07 12.35 18.91
N GLY A 661 19.84 19.59 5.16
CA GLY A 661 18.85 18.56 5.42
C GLY A 661 17.71 19.02 6.31
N GLN A 662 16.77 18.12 6.57
CA GLN A 662 15.61 18.42 7.41
C GLN A 662 15.04 17.09 7.90
N ALA A 663 13.78 17.14 8.34
CA ALA A 663 13.09 15.92 8.74
C ALA A 663 13.04 14.94 7.57
N VAL A 664 13.24 13.66 7.88
CA VAL A 664 13.31 12.64 6.83
C VAL A 664 11.98 12.54 6.09
N ARG A 665 10.88 12.54 6.84
CA ARG A 665 9.58 12.21 6.26
C ARG A 665 9.14 13.25 5.22
N ALA A 666 8.74 12.76 4.05
CA ALA A 666 8.10 13.56 3.01
C ALA A 666 8.94 14.80 2.67
N GLU A 667 10.12 14.53 2.11
CA GLU A 667 11.05 15.60 1.74
C GLU A 667 10.38 16.57 0.76
N GLN A 668 10.43 17.86 1.10
CA GLN A 668 9.93 18.93 0.24
C GLN A 668 8.44 18.80 -0.04
N LEU A 669 7.67 18.46 0.98
CA LEU A 669 6.24 18.27 0.80
C LEU A 669 5.49 19.57 0.82
N ARG A 670 4.85 19.98 -0.28
CA ARG A 670 4.00 21.20 -0.17
C ARG A 670 2.54 21.09 -0.61
N LEU A 671 1.60 21.42 0.26
CA LEU A 671 0.24 21.50 -0.20
C LEU A 671 0.16 22.94 -0.68
N GLU A 672 0.77 23.25 -1.81
CA GLU A 672 0.75 24.61 -2.34
C GLU A 672 -0.64 25.11 -2.77
N LEU A 673 -0.94 26.40 -2.55
CA LEU A 673 -2.22 27.01 -2.96
C LEU A 673 -3.41 26.10 -2.91
N SER A 674 -3.42 25.20 -1.96
CA SER A 674 -4.59 24.37 -1.76
C SER A 674 -5.69 25.17 -1.05
N GLU A 675 -6.75 24.47 -0.65
CA GLU A 675 -7.72 25.07 0.23
C GLU A 675 -7.05 25.38 1.57
N PRO A 676 -7.54 26.39 2.30
CA PRO A 676 -6.84 26.79 3.54
C PRO A 676 -6.64 25.65 4.51
N GLN A 677 -7.72 24.97 4.92
CA GLN A 677 -7.60 23.76 5.72
C GLN A 677 -6.85 23.91 7.04
N PHE A 678 -6.09 22.88 7.40
CA PHE A 678 -5.24 22.89 8.59
C PHE A 678 -6.01 23.48 9.79
N ARG A 679 -7.21 22.93 9.96
CA ARG A 679 -8.13 23.37 11.00
C ARG A 679 -7.84 22.35 12.10
N SER A 680 -7.73 22.83 13.33
CA SER A 680 -7.27 22.01 14.45
C SER A 680 -8.30 22.06 15.58
N GLU A 681 -8.02 21.29 16.62
CA GLU A 681 -8.81 21.30 17.84
C GLU A 681 -7.94 20.80 18.98
N LEU A 682 -7.56 21.69 19.88
CA LEU A 682 -6.57 21.36 20.89
C LEU A 682 -7.07 21.67 22.30
N SER A 683 -6.19 21.54 23.29
CA SER A 683 -6.54 21.80 24.68
C SER A 683 -5.29 22.21 25.43
N SER A 684 -5.48 22.94 26.52
CA SER A 684 -4.34 23.48 27.26
C SER A 684 -3.58 22.39 28.00
N GLY A 685 -4.29 21.45 28.62
CA GLY A 685 -3.66 20.43 29.42
C GLY A 685 -2.91 19.41 28.59
N PRO A 686 -1.76 18.98 29.10
CA PRO A 686 -1.01 17.91 28.42
C PRO A 686 -1.73 16.58 28.53
N GLY A 687 -1.53 15.74 27.51
CA GLY A 687 -2.21 14.47 27.43
C GLY A 687 -3.71 14.65 27.44
N PRO A 688 -4.26 15.17 26.35
CA PRO A 688 -5.68 15.53 26.31
C PRO A 688 -6.56 14.32 26.54
N PRO A 689 -7.39 14.35 27.60
CA PRO A 689 -8.32 13.22 27.82
C PRO A 689 -9.26 13.00 26.65
N VAL A 690 -9.73 14.07 26.02
CA VAL A 690 -10.52 13.97 24.80
C VAL A 690 -9.56 13.84 23.61
N PRO A 691 -9.93 13.14 22.55
CA PRO A 691 -9.02 13.00 21.41
C PRO A 691 -8.85 14.32 20.66
N THR A 692 -7.75 14.39 19.90
CA THR A 692 -7.40 15.56 19.12
C THR A 692 -7.62 15.25 17.64
N HIS A 693 -8.40 16.08 16.96
CA HIS A 693 -8.69 15.89 15.55
C HIS A 693 -7.95 16.95 14.71
N LEU A 694 -7.72 16.60 13.44
CA LEU A 694 -7.07 17.51 12.49
C LEU A 694 -7.60 17.13 11.11
N GLU A 695 -8.55 17.91 10.60
CA GLU A 695 -9.24 17.56 9.38
C GLU A 695 -8.66 18.35 8.20
N LEU A 696 -9.24 18.12 7.03
CA LEU A 696 -8.80 18.74 5.78
C LEU A 696 -9.84 18.41 4.73
N THR A 697 -10.01 19.31 3.77
CA THR A 697 -10.89 19.06 2.63
C THR A 697 -10.39 19.89 1.46
N CYS A 698 -10.55 19.35 0.26
CA CYS A 698 -10.11 20.03 -0.95
C CYS A 698 -10.78 19.41 -2.16
N SER A 699 -11.21 20.26 -3.09
CA SER A 699 -11.92 19.77 -4.27
C SER A 699 -10.96 19.17 -5.31
N ASP A 700 -10.09 20.02 -5.86
CA ASP A 700 -9.06 19.60 -6.81
C ASP A 700 -7.75 20.30 -6.51
N LEU A 701 -7.38 20.35 -5.23
CA LEU A 701 -6.24 21.15 -4.79
C LEU A 701 -4.97 20.75 -5.52
N HIS A 702 -4.23 21.76 -5.99
CA HIS A 702 -3.01 21.56 -6.76
C HIS A 702 -1.82 21.54 -5.79
N GLY A 703 -1.80 20.51 -4.95
CA GLY A 703 -0.74 20.37 -3.97
C GLY A 703 0.46 19.60 -4.48
N ILE A 704 1.53 20.32 -4.83
CA ILE A 704 2.76 19.69 -5.30
C ILE A 704 3.43 18.96 -4.14
N TYR A 705 3.31 17.64 -4.12
CA TYR A 705 3.76 16.83 -2.99
C TYR A 705 5.13 16.23 -3.26
N GLU A 706 6.00 16.26 -2.25
CA GLU A 706 7.32 15.63 -2.29
C GLU A 706 8.19 16.19 -3.42
N ASP A 707 7.87 17.40 -3.88
CA ASP A 707 8.64 18.03 -4.95
C ASP A 707 9.93 18.62 -4.41
N PRO A 712 11.60 14.69 -9.33
CA PRO A 712 11.02 16.00 -9.02
C PRO A 712 9.52 16.06 -9.33
N VAL A 713 8.89 17.16 -8.93
CA VAL A 713 7.49 17.48 -9.22
C VAL A 713 6.58 16.57 -8.41
N PRO A 714 5.30 16.91 -8.23
CA PRO A 714 4.43 16.09 -7.39
C PRO A 714 4.30 14.66 -7.90
N CYS A 715 4.21 13.73 -6.96
CA CYS A 715 3.76 12.38 -7.29
C CYS A 715 2.26 12.36 -7.55
N LEU A 716 1.53 13.32 -6.97
CA LEU A 716 0.11 13.53 -7.20
C LEU A 716 -0.13 15.03 -7.19
N ARG A 717 -0.74 15.56 -8.25
CA ARG A 717 -0.71 17.00 -8.49
C ARG A 717 -2.08 17.66 -8.37
N VAL A 718 -3.15 16.89 -8.16
CA VAL A 718 -4.48 17.47 -8.05
C VAL A 718 -5.43 16.44 -7.45
N SER A 719 -6.37 16.90 -6.62
CA SER A 719 -7.35 15.99 -6.05
C SER A 719 -8.35 15.47 -7.07
N LYS A 720 -8.64 16.25 -8.11
CA LYS A 720 -9.27 15.79 -9.35
C LYS A 720 -10.45 14.84 -9.13
N ALA A 721 -11.26 15.10 -8.11
CA ALA A 721 -12.29 14.16 -7.69
C ALA A 721 -13.66 14.65 -8.18
N LEU A 722 -14.07 14.16 -9.34
CA LEU A 722 -15.44 14.31 -9.84
C LEU A 722 -16.13 12.96 -9.68
N ASP A 723 -16.57 12.66 -8.45
CA ASP A 723 -17.11 11.34 -8.11
C ASP A 723 -18.44 11.49 -7.37
N PRO A 724 -19.52 11.79 -8.08
CA PRO A 724 -20.84 11.78 -7.43
C PRO A 724 -21.24 10.38 -6.99
N LYS A 725 -21.72 10.27 -5.76
CA LYS A 725 -22.01 8.97 -5.16
C LYS A 725 -23.46 8.81 -4.74
N SER A 726 -24.02 9.76 -4.02
CA SER A 726 -25.33 9.61 -3.42
C SER A 726 -26.45 9.84 -4.42
N THR A 727 -27.68 9.55 -3.99
CA THR A 727 -28.85 9.83 -4.81
C THR A 727 -28.99 11.32 -5.09
N GLY A 728 -28.75 12.15 -4.06
CA GLY A 728 -28.73 13.58 -4.27
C GLY A 728 -27.45 14.04 -4.93
N ARG A 729 -27.45 15.31 -5.36
CA ARG A 729 -26.29 15.89 -6.03
C ARG A 729 -25.11 16.00 -5.09
N LYS A 730 -24.09 15.16 -5.29
CA LYS A 730 -22.91 15.13 -4.43
C LYS A 730 -21.65 15.26 -5.28
N TYR A 731 -20.63 15.88 -4.71
CA TYR A 731 -19.32 15.98 -5.33
C TYR A 731 -18.26 15.59 -4.31
N PHE A 732 -17.75 14.36 -4.44
CA PHE A 732 -16.77 13.84 -3.50
C PHE A 732 -15.46 14.61 -3.63
N LEU A 733 -14.73 14.68 -2.51
CA LEU A 733 -13.52 15.48 -2.43
C LEU A 733 -12.53 14.75 -1.53
N PRO A 734 -11.27 15.18 -1.52
CA PRO A 734 -10.26 14.52 -0.68
C PRO A 734 -10.26 15.06 0.74
N GLN A 735 -9.55 14.35 1.61
CA GLN A 735 -9.42 14.73 3.01
C GLN A 735 -8.22 14.00 3.60
N VAL A 736 -7.56 14.67 4.56
CA VAL A 736 -6.40 14.11 5.25
C VAL A 736 -6.69 14.24 6.74
N VAL A 737 -7.30 13.22 7.33
CA VAL A 737 -7.78 13.27 8.70
C VAL A 737 -6.67 12.77 9.63
N VAL A 738 -6.68 13.28 10.87
CA VAL A 738 -5.76 12.84 11.91
C VAL A 738 -6.54 12.75 13.21
N THR A 739 -6.29 11.69 13.98
CA THR A 739 -6.98 11.45 15.24
C THR A 739 -5.96 10.92 16.24
N VAL A 740 -5.48 11.79 17.12
CA VAL A 740 -4.47 11.45 18.11
C VAL A 740 -5.15 11.16 19.43
N ASN A 741 -4.78 10.05 20.06
CA ASN A 741 -5.27 9.66 21.37
C ASN A 741 -4.15 9.75 22.40
N PRO A 742 -4.47 9.99 23.67
CA PRO A 742 -3.41 10.12 24.68
C PRO A 742 -2.61 8.84 24.83
N GLN A 743 -1.32 9.00 25.08
CA GLN A 743 -0.44 7.85 25.30
C GLN A 743 -0.83 7.13 26.58
N SER A 744 -0.71 5.80 26.54
CA SER A 744 -1.08 4.93 27.66
C SER A 744 -2.53 5.17 28.10
N SER A 745 -3.40 5.40 27.12
CA SER A 745 -4.81 5.61 27.40
C SER A 745 -5.45 4.31 27.86
N SER A 746 -6.30 4.41 28.88
CA SER A 746 -6.99 3.26 29.48
C SER A 746 -6.00 2.19 29.93
N ASP A 794 -10.05 -9.61 2.01
CA ASP A 794 -10.71 -9.81 3.29
C ASP A 794 -11.65 -8.65 3.61
N PRO A 795 -12.90 -8.75 3.15
CA PRO A 795 -13.86 -7.68 3.43
C PRO A 795 -14.10 -7.43 4.91
N GLU A 796 -14.07 -8.47 5.73
CA GLU A 796 -14.33 -8.35 7.16
C GLU A 796 -13.10 -8.53 8.03
N GLU A 797 -12.15 -9.36 7.63
CA GLU A 797 -10.94 -9.55 8.43
C GLU A 797 -10.03 -8.32 8.36
N MET A 798 -9.64 -7.94 7.14
CA MET A 798 -8.73 -6.81 6.99
C MET A 798 -9.36 -5.50 7.46
N ARG A 799 -10.66 -5.34 7.24
CA ARG A 799 -11.33 -4.12 7.69
C ARG A 799 -11.37 -4.05 9.22
N THR A 800 -11.85 -5.11 9.86
CA THR A 800 -12.00 -5.09 11.31
C THR A 800 -10.66 -5.04 12.03
N PHE A 801 -9.65 -5.74 11.49
CA PHE A 801 -8.33 -5.73 12.12
C PHE A 801 -7.77 -4.33 12.21
N GLN A 802 -7.82 -3.59 11.10
CA GLN A 802 -7.28 -2.24 11.14
C GLN A 802 -8.26 -1.22 11.73
N SER A 803 -9.55 -1.54 11.82
CA SER A 803 -10.42 -0.72 12.65
C SER A 803 -10.02 -0.81 14.12
N ARG A 804 -9.76 -2.03 14.59
CA ARG A 804 -9.25 -2.22 15.94
C ARG A 804 -7.91 -1.53 16.12
N THR A 805 -7.04 -1.60 15.10
CA THR A 805 -5.77 -0.89 15.16
C THR A 805 -5.95 0.62 15.13
N LEU A 806 -7.03 1.13 14.56
CA LEU A 806 -7.33 2.56 14.57
C LEU A 806 -7.95 3.01 15.87
N ALA A 807 -8.59 2.10 16.62
CA ALA A 807 -9.06 2.44 17.96
C ALA A 807 -7.93 2.64 18.95
N LEU A 808 -6.70 2.27 18.59
CA LEU A 808 -5.52 2.45 19.43
C LEU A 808 -4.58 3.40 18.69
N SER A 809 -4.33 4.57 19.27
CA SER A 809 -3.61 5.64 18.59
C SER A 809 -2.42 6.11 19.42
N ARG A 810 -1.23 6.08 18.82
CA ARG A 810 -0.11 6.86 19.29
C ARG A 810 0.38 7.82 18.20
N CYS A 811 -0.11 7.66 16.98
CA CYS A 811 -0.02 8.59 15.86
C CYS A 811 -1.18 8.23 14.94
N SER A 812 -1.20 8.81 13.73
CA SER A 812 -2.20 8.42 12.75
C SER A 812 -1.84 9.02 11.39
N LEU A 813 -2.67 8.70 10.40
CA LEU A 813 -2.73 9.28 9.07
C LEU A 813 -3.93 8.65 8.39
N GLU A 814 -4.62 9.43 7.57
CA GLU A 814 -5.82 8.94 6.91
C GLU A 814 -6.04 9.74 5.63
N VAL A 815 -6.48 9.05 4.59
CA VAL A 815 -6.81 9.69 3.31
C VAL A 815 -8.07 9.05 2.77
N ILE A 816 -8.92 9.88 2.16
CA ILE A 816 -10.08 9.40 1.41
C ILE A 816 -10.07 10.12 0.06
N LEU A 817 -9.47 9.48 -0.94
CA LEU A 817 -9.34 10.10 -2.25
C LEU A 817 -10.32 9.46 -3.21
N PRO A 818 -11.39 10.13 -3.61
CA PRO A 818 -12.42 9.48 -4.42
C PRO A 818 -11.94 9.08 -5.80
N SER A 819 -11.37 10.06 -6.50
CA SER A 819 -10.86 9.81 -7.84
C SER A 819 -9.55 10.55 -8.12
N VAL A 820 -8.76 10.86 -7.09
CA VAL A 820 -7.55 11.66 -7.29
C VAL A 820 -6.66 11.01 -8.34
N HIS A 821 -6.09 9.85 -8.03
CA HIS A 821 -5.40 9.00 -9.00
C HIS A 821 -4.33 9.78 -9.79
N ILE A 822 -3.98 10.96 -9.29
CA ILE A 822 -3.31 11.95 -10.11
C ILE A 822 -1.81 11.77 -10.01
N PHE A 823 -1.12 12.32 -11.01
CA PHE A 823 0.32 12.43 -11.00
C PHE A 823 0.71 13.54 -11.98
N LEU A 824 1.71 14.33 -11.60
CA LEU A 824 2.16 15.39 -12.47
C LEU A 824 2.79 14.78 -13.72
N PRO A 825 2.81 15.53 -14.83
CA PRO A 825 3.48 15.01 -16.04
C PRO A 825 4.92 14.60 -15.78
N SER A 826 5.60 15.28 -14.87
CA SER A 826 6.89 14.83 -14.35
C SER A 826 6.63 14.06 -13.06
N LYS A 827 6.52 12.74 -13.16
CA LYS A 827 6.31 11.89 -11.99
C LYS A 827 6.73 10.48 -12.34
N GLU A 828 6.91 9.66 -11.30
CA GLU A 828 7.32 8.27 -11.47
C GLU A 828 6.81 7.45 -10.30
N VAL A 829 5.72 6.71 -10.52
CA VAL A 829 5.22 5.80 -9.49
C VAL A 829 6.22 4.67 -9.25
N TYR A 830 6.90 4.21 -10.31
CA TYR A 830 7.84 3.12 -10.17
C TYR A 830 9.02 3.49 -9.27
N GLU A 831 9.55 4.71 -9.41
CA GLU A 831 10.77 5.10 -8.74
C GLU A 831 10.59 6.12 -7.63
N SER A 832 9.97 7.27 -7.92
CA SER A 832 9.90 8.35 -6.95
C SER A 832 9.05 7.97 -5.74
N ILE A 833 7.90 7.32 -5.98
CA ILE A 833 7.05 6.90 -4.87
C ILE A 833 7.81 5.95 -3.95
N TYR A 834 8.50 4.98 -4.54
CA TYR A 834 9.36 4.09 -3.75
C TYR A 834 10.40 4.87 -2.97
N ASN A 835 11.06 5.83 -3.61
CA ASN A 835 12.21 6.48 -3.00
C ASN A 835 11.79 7.41 -1.87
N ARG A 836 10.57 7.92 -1.91
CA ARG A 836 10.15 8.84 -0.86
C ARG A 836 9.05 8.30 0.05
N ILE A 837 7.89 7.93 -0.51
CA ILE A 837 6.72 7.65 0.33
C ILE A 837 6.77 6.26 0.95
N ASN A 838 7.81 5.49 0.69
CA ASN A 838 8.01 4.20 1.34
C ASN A 838 9.20 4.20 2.29
N ASN A 839 10.23 5.00 2.00
CA ASN A 839 11.33 5.13 2.95
C ASN A 839 10.98 6.12 4.05
N ASP A 840 10.64 7.35 3.69
CA ASP A 840 10.28 8.39 4.65
C ASP A 840 8.80 8.33 5.01
N LEU A 841 8.33 7.17 5.47
CA LEU A 841 6.93 6.96 5.77
C LEU A 841 6.65 6.76 7.24
N LEU A 842 7.32 5.79 7.89
CA LEU A 842 7.07 5.51 9.29
C LEU A 842 8.20 5.96 10.22
N MET A 843 9.38 6.24 9.68
CA MET A 843 10.51 6.67 10.50
C MET A 843 10.53 8.18 10.63
N TRP A 844 9.48 8.71 11.25
CA TRP A 844 9.32 10.13 11.50
C TRP A 844 9.05 10.39 12.97
N GLU A 845 9.75 9.64 13.83
CA GLU A 845 9.55 9.68 15.27
C GLU A 845 8.08 9.45 15.64
N PRO A 846 7.49 8.33 15.19
CA PRO A 846 6.06 8.12 15.44
C PRO A 846 5.77 7.84 16.90
N ALA A 847 5.26 8.85 17.59
CA ALA A 847 4.84 8.76 18.99
C ALA A 847 4.14 10.06 19.36
N ASP A 848 3.08 9.95 20.16
CA ASP A 848 2.35 11.12 20.60
C ASP A 848 1.54 10.77 21.85
N LEU A 849 1.12 11.80 22.56
CA LEU A 849 0.33 11.63 23.78
C LEU A 849 -0.97 12.41 23.67
N SER A 924 4.52 3.09 19.48
CA SER A 924 4.25 3.67 18.17
C SER A 924 3.07 2.95 17.54
N THR A 925 2.05 2.67 18.35
CA THR A 925 0.82 2.04 17.89
C THR A 925 0.01 3.10 17.14
N PHE A 926 0.12 3.09 15.83
CA PHE A 926 -0.69 3.97 15.00
C PHE A 926 -1.40 3.19 13.90
N SER A 927 -2.03 3.90 12.96
CA SER A 927 -2.77 3.25 11.88
C SER A 927 -2.61 4.09 10.62
N THR A 928 -3.27 3.65 9.54
CA THR A 928 -3.15 4.26 8.23
C THR A 928 -4.20 3.64 7.32
N LEU A 929 -4.85 4.47 6.51
CA LEU A 929 -5.83 3.97 5.56
C LEU A 929 -5.76 4.79 4.27
N VAL A 930 -6.18 4.15 3.18
CA VAL A 930 -6.38 4.82 1.89
C VAL A 930 -7.67 4.25 1.30
N THR A 931 -8.30 5.01 0.42
CA THR A 931 -9.54 4.59 -0.21
C THR A 931 -9.67 5.35 -1.52
N VAL A 932 -9.75 4.62 -2.63
CA VAL A 932 -9.83 5.20 -3.96
C VAL A 932 -10.92 4.48 -4.74
N LEU A 933 -11.78 5.23 -5.42
CA LEU A 933 -12.76 4.65 -6.32
C LEU A 933 -12.24 4.55 -7.75
N LYS A 934 -11.14 5.22 -8.07
CA LYS A 934 -10.51 5.13 -9.38
C LYS A 934 -9.05 5.52 -9.22
N GLY A 935 -8.15 4.76 -9.83
CA GLY A 935 -6.73 4.98 -9.64
C GLY A 935 -5.99 4.95 -10.96
N ARG A 936 -4.90 5.72 -11.00
CA ARG A 936 -4.04 5.80 -12.17
C ARG A 936 -2.59 5.77 -11.73
N ILE A 937 -1.89 4.70 -12.07
CA ILE A 937 -0.47 4.54 -11.81
C ILE A 937 0.28 5.06 -13.04
N THR A 938 0.53 6.37 -13.08
CA THR A 938 1.16 7.02 -14.22
C THR A 938 2.64 6.65 -14.28
N ALA A 939 3.27 6.92 -15.41
CA ALA A 939 4.69 6.67 -15.58
C ALA A 939 5.42 7.94 -16.03
N LEU A 958 2.02 -0.28 -16.64
CA LEU A 958 1.24 0.95 -16.52
C LEU A 958 -0.26 0.66 -16.39
N VAL A 959 -0.60 -0.60 -16.14
CA VAL A 959 -2.00 -0.99 -16.01
C VAL A 959 -2.48 -0.70 -14.59
N LEU A 960 -3.03 0.51 -14.39
CA LEU A 960 -3.57 0.84 -13.07
C LEU A 960 -4.82 0.03 -12.76
N ASP A 961 -5.80 0.06 -13.67
CA ASP A 961 -7.03 -0.72 -13.60
C ASP A 961 -7.78 -0.52 -12.28
N MET A 962 -7.48 0.53 -11.55
CA MET A 962 -7.83 0.63 -10.13
C MET A 962 -9.24 1.16 -9.97
N GLU A 963 -10.08 0.41 -9.27
CA GLU A 963 -11.40 0.82 -8.85
C GLU A 963 -11.72 0.15 -7.53
N HIS A 964 -12.07 0.94 -6.52
CA HIS A 964 -12.33 0.43 -5.16
C HIS A 964 -11.09 -0.24 -4.58
N GLY A 965 -10.00 0.54 -4.44
CA GLY A 965 -8.78 0.02 -3.86
C GLY A 965 -8.33 0.79 -2.62
N THR A 966 -7.51 0.13 -1.81
CA THR A 966 -7.04 0.68 -0.54
C THR A 966 -5.58 0.31 -0.32
N LEU A 967 -5.01 0.89 0.73
CA LEU A 967 -3.69 0.52 1.24
C LEU A 967 -3.69 0.67 2.75
N PHE A 968 -3.01 -0.25 3.43
CA PHE A 968 -3.07 -0.36 4.88
C PHE A 968 -1.66 -0.38 5.45
N SER A 969 -1.56 -0.11 6.76
CA SER A 969 -0.31 -0.24 7.51
C SER A 969 -0.60 -0.10 9.00
N VAL A 970 0.14 -0.87 9.81
CA VAL A 970 0.05 -0.81 11.26
C VAL A 970 1.47 -0.91 11.81
N SER A 971 1.64 -0.54 13.09
CA SER A 971 2.91 -0.68 13.79
C SER A 971 2.63 -1.10 15.23
N GLN A 972 3.28 -2.17 15.67
CA GLN A 972 3.22 -2.63 17.06
C GLN A 972 1.78 -2.96 17.47
N TYR A 973 1.21 -3.93 16.77
CA TYR A 973 -0.14 -4.40 17.08
C TYR A 973 -0.19 -4.92 18.51
N CYS A 974 -1.23 -4.52 19.24
CA CYS A 974 -1.45 -4.84 20.65
C CYS A 974 -0.29 -4.43 21.54
N GLY A 975 0.60 -3.56 21.06
CA GLY A 975 1.68 -3.05 21.88
C GLY A 975 3.01 -3.73 21.69
N GLN A 976 3.04 -4.95 21.16
CA GLN A 976 4.28 -5.69 20.98
C GLN A 976 4.91 -5.35 19.65
N PRO A 977 6.15 -4.86 19.61
CA PRO A 977 6.82 -4.64 18.32
C PRO A 977 6.92 -5.94 17.52
N GLY A 978 6.75 -5.80 16.20
CA GLY A 978 6.83 -6.93 15.29
C GLY A 978 5.50 -7.45 14.81
N LEU A 979 4.39 -7.03 15.43
CA LEU A 979 3.06 -7.47 15.05
C LEU A 979 2.35 -6.33 14.32
N GLY A 980 1.78 -6.65 13.16
CA GLY A 980 1.13 -5.65 12.34
C GLY A 980 0.17 -6.30 11.37
N TYR A 981 -0.56 -5.46 10.65
CA TYR A 981 -1.55 -5.91 9.67
C TYR A 981 -1.40 -5.07 8.41
N PHE A 982 -0.64 -5.57 7.44
CA PHE A 982 -0.51 -4.94 6.14
C PHE A 982 -1.51 -5.62 5.20
N CYS A 983 -2.24 -4.83 4.43
CA CYS A 983 -3.29 -5.38 3.58
C CYS A 983 -3.36 -4.57 2.29
N LEU A 984 -4.23 -5.02 1.39
CA LEU A 984 -4.45 -4.38 0.09
C LEU A 984 -5.68 -5.03 -0.52
N GLU A 985 -6.53 -4.23 -1.17
CA GLU A 985 -7.70 -4.75 -1.86
C GLU A 985 -7.93 -3.93 -3.12
N ALA A 986 -8.60 -4.54 -4.10
CA ALA A 986 -9.05 -3.82 -5.28
C ALA A 986 -10.01 -4.70 -6.08
N GLU A 987 -10.37 -4.22 -7.26
CA GLU A 987 -11.16 -4.96 -8.25
C GLU A 987 -10.80 -4.34 -9.59
N LYS A 988 -10.11 -5.10 -10.41
CA LYS A 988 -9.38 -4.57 -11.55
C LYS A 988 -9.58 -5.44 -12.77
N ALA A 989 -9.28 -4.88 -13.95
CA ALA A 989 -9.16 -5.71 -15.13
C ALA A 989 -7.73 -6.22 -15.24
N THR A 990 -7.59 -7.49 -15.61
CA THR A 990 -6.37 -8.24 -15.31
C THR A 990 -5.14 -7.64 -15.99
N LEU A 991 -5.05 -7.74 -17.31
CA LEU A 991 -3.79 -7.46 -17.99
C LEU A 991 -4.02 -6.41 -19.07
N TYR A 992 -3.46 -5.22 -18.84
CA TYR A 992 -3.38 -4.14 -19.83
C TYR A 992 -1.92 -3.78 -20.09
N HIS A 993 -1.52 -3.87 -21.35
CA HIS A 993 -0.13 -3.68 -21.72
C HIS A 993 0.22 -2.19 -21.77
N ARG A 994 1.41 -1.90 -22.29
CA ARG A 994 1.96 -0.55 -22.34
C ARG A 994 2.79 -0.39 -23.61
N ALA A 995 3.51 0.72 -23.67
CA ALA A 995 4.29 1.07 -24.86
C ALA A 995 5.54 0.20 -25.00
N GLN A 1016 2.37 -0.17 -27.57
CA GLN A 1016 1.15 0.51 -27.12
C GLN A 1016 -0.02 -0.45 -27.10
N LEU A 1017 -1.19 0.07 -26.71
CA LEU A 1017 -2.46 -0.67 -26.67
C LEU A 1017 -2.48 -1.67 -25.51
N ALA A 1018 -3.65 -1.87 -24.93
CA ALA A 1018 -3.76 -2.74 -23.76
C ALA A 1018 -3.90 -4.19 -24.18
N PRO A 1019 -3.37 -5.13 -23.39
CA PRO A 1019 -3.66 -6.55 -23.65
C PRO A 1019 -5.14 -6.90 -23.56
N THR A 1020 -5.89 -6.25 -22.67
CA THR A 1020 -7.35 -6.35 -22.51
C THR A 1020 -7.79 -7.71 -22.01
N ILE A 1021 -7.01 -8.35 -21.14
CA ILE A 1021 -7.32 -9.64 -20.53
C ILE A 1021 -8.48 -9.46 -19.54
N TYR A 1022 -8.96 -10.58 -18.99
CA TYR A 1022 -10.17 -10.70 -18.17
C TYR A 1022 -11.40 -10.38 -18.99
N PRO A 1023 -11.69 -11.18 -20.02
CA PRO A 1023 -13.01 -11.12 -20.67
C PRO A 1023 -13.98 -12.10 -20.01
N SER A 1024 -13.61 -12.61 -18.84
CA SER A 1024 -14.44 -13.58 -18.13
C SER A 1024 -15.75 -12.97 -17.68
N GLY A 1042 -17.67 -13.58 -2.54
CA GLY A 1042 -17.43 -12.29 -3.17
C GLY A 1042 -16.02 -11.77 -2.95
N PRO A 1043 -15.03 -12.64 -3.10
CA PRO A 1043 -13.64 -12.21 -2.92
C PRO A 1043 -13.23 -11.19 -3.97
N HIS A 1044 -12.31 -10.31 -3.58
CA HIS A 1044 -11.82 -9.25 -4.45
C HIS A 1044 -10.44 -9.61 -5.00
N MET A 1045 -9.99 -8.81 -5.95
CA MET A 1045 -8.73 -9.08 -6.63
C MET A 1045 -7.56 -8.40 -5.91
N LEU A 1046 -6.39 -9.03 -6.05
CA LEU A 1046 -5.14 -8.59 -5.39
C LEU A 1046 -5.36 -8.33 -3.90
N SER A 1047 -6.03 -9.26 -3.23
CA SER A 1047 -6.25 -9.20 -1.80
C SER A 1047 -4.99 -9.66 -1.05
N THR A 1048 -3.91 -8.88 -1.23
CA THR A 1048 -2.60 -9.23 -0.69
C THR A 1048 -2.56 -8.94 0.81
N ALA A 1049 -3.33 -9.72 1.59
CA ALA A 1049 -3.42 -9.54 3.03
C ALA A 1049 -2.24 -10.26 3.71
N VAL A 1050 -1.04 -9.73 3.44
CA VAL A 1050 0.15 -10.33 4.03
C VAL A 1050 0.11 -10.20 5.55
N ARG A 1051 0.86 -11.06 6.21
CA ARG A 1051 0.98 -11.06 7.67
C ARG A 1051 2.46 -11.00 8.04
N ILE A 1052 2.77 -10.23 9.08
CA ILE A 1052 4.15 -10.07 9.52
C ILE A 1052 4.18 -10.26 11.04
N HIS A 1053 5.08 -11.12 11.50
CA HIS A 1053 5.30 -11.38 12.92
C HIS A 1053 6.80 -11.41 13.19
N LEU A 1054 7.51 -10.42 12.65
CA LEU A 1054 8.96 -10.36 12.79
C LEU A 1054 9.35 -10.10 14.23
N ASP A 1055 10.60 -10.42 14.54
CA ASP A 1055 11.12 -10.29 15.89
C ASP A 1055 12.27 -9.29 15.91
N PRO A 1056 12.19 -8.23 16.72
CA PRO A 1056 13.34 -7.31 16.81
C PRO A 1056 14.60 -7.98 17.30
N HIS A 1057 14.48 -8.95 18.21
CA HIS A 1057 15.66 -9.67 18.68
C HIS A 1057 16.31 -10.45 17.56
N LYS A 1058 15.51 -11.13 16.73
CA LYS A 1058 16.05 -11.83 15.58
C LYS A 1058 16.62 -10.87 14.56
N ASN A 1059 15.95 -9.72 14.35
CA ASN A 1059 16.39 -8.69 13.42
C ASN A 1059 16.51 -9.25 11.99
N VAL A 1060 15.45 -9.93 11.55
CA VAL A 1060 15.41 -10.54 10.23
C VAL A 1060 14.02 -10.29 9.66
N LYS A 1061 13.94 -10.17 8.33
CA LYS A 1061 12.69 -9.87 7.65
C LYS A 1061 11.89 -11.14 7.43
N GLU A 1062 10.70 -11.22 8.04
CA GLU A 1062 9.79 -12.33 7.87
C GLU A 1062 8.54 -11.86 7.13
N PHE A 1063 8.02 -12.70 6.25
CA PHE A 1063 6.81 -12.40 5.49
C PHE A 1063 5.88 -13.61 5.47
N LEU A 1064 4.60 -13.37 5.69
CA LEU A 1064 3.54 -14.37 5.55
C LEU A 1064 2.54 -13.81 4.55
N VAL A 1065 2.80 -14.03 3.27
CA VAL A 1065 2.05 -13.40 2.19
C VAL A 1065 0.89 -14.32 1.83
N THR A 1066 -0.31 -13.93 2.23
CA THR A 1066 -1.53 -14.66 1.84
C THR A 1066 -2.16 -13.96 0.64
N LEU A 1067 -1.43 -14.02 -0.48
CA LEU A 1067 -1.88 -13.39 -1.70
C LEU A 1067 -3.09 -14.13 -2.26
N ARG A 1068 -3.97 -13.38 -2.93
CA ARG A 1068 -5.18 -13.94 -3.55
C ARG A 1068 -5.51 -13.12 -4.79
N LEU A 1069 -5.16 -13.66 -5.96
CA LEU A 1069 -5.62 -13.13 -7.24
C LEU A 1069 -6.83 -13.95 -7.68
N HIS A 1070 -8.03 -13.42 -7.46
CA HIS A 1070 -9.27 -14.13 -7.72
C HIS A 1070 -9.75 -13.83 -9.13
N LYS A 1071 -9.85 -14.89 -9.94
CA LYS A 1071 -10.40 -14.82 -11.30
C LYS A 1071 -9.66 -13.80 -12.17
N ALA A 1072 -8.37 -13.61 -11.92
CA ALA A 1072 -7.59 -12.68 -12.70
C ALA A 1072 -6.94 -13.39 -13.88
N THR A 1073 -6.07 -12.67 -14.59
CA THR A 1073 -5.24 -13.26 -15.64
C THR A 1073 -3.92 -12.47 -15.60
N LEU A 1074 -2.99 -12.97 -14.78
CA LEU A 1074 -1.78 -12.22 -14.43
C LEU A 1074 -0.61 -12.53 -15.35
N ARG A 1075 -0.79 -12.33 -16.64
CA ARG A 1075 0.26 -12.53 -17.63
C ARG A 1075 0.64 -11.17 -18.20
N HIS A 1076 1.93 -10.94 -18.37
CA HIS A 1076 2.44 -9.67 -18.88
C HIS A 1076 3.44 -9.90 -20.00
N TYR A 1077 3.55 -11.14 -20.47
CA TYR A 1077 4.51 -11.47 -21.53
C TYR A 1077 3.89 -11.13 -22.88
N MET A 1078 4.11 -9.89 -23.30
CA MET A 1078 3.43 -9.40 -24.52
C MET A 1078 4.07 -10.00 -25.78
N ALA A 1079 5.34 -9.70 -26.02
CA ALA A 1079 6.01 -10.12 -27.24
C ALA A 1079 6.36 -11.60 -27.17
N LEU A 1080 7.04 -12.09 -28.20
CA LEU A 1080 7.50 -13.48 -28.18
C LEU A 1080 8.41 -13.76 -26.99
N PRO A 1081 9.41 -12.93 -26.67
CA PRO A 1081 10.04 -13.01 -25.35
C PRO A 1081 9.20 -12.26 -24.33
N GLU A 1082 9.53 -12.47 -23.05
CA GLU A 1082 8.80 -11.83 -21.98
C GLU A 1082 9.18 -10.35 -21.89
N GLN A 1083 8.63 -9.56 -22.82
CA GLN A 1083 9.05 -8.18 -22.98
C GLN A 1083 8.29 -7.25 -22.03
N SER A 1084 6.96 -7.24 -22.12
CA SER A 1084 6.20 -6.45 -21.17
C SER A 1084 6.27 -7.07 -19.77
N TRP A 1085 6.50 -8.38 -19.69
CA TRP A 1085 6.81 -9.00 -18.41
C TRP A 1085 8.14 -8.49 -17.86
N HIS A 1086 9.12 -8.29 -18.74
CA HIS A 1086 10.38 -7.67 -18.34
C HIS A 1086 10.14 -6.26 -17.81
N SER A 1087 9.26 -5.52 -18.48
CA SER A 1087 8.91 -4.18 -18.00
C SER A 1087 8.27 -4.24 -16.61
N GLN A 1088 7.36 -5.20 -16.42
CA GLN A 1088 6.69 -5.36 -15.14
C GLN A 1088 7.68 -5.71 -14.03
N LEU A 1089 8.62 -6.61 -14.33
CA LEU A 1089 9.60 -7.04 -13.34
C LEU A 1089 10.73 -6.03 -13.15
N LEU A 1090 10.85 -5.04 -14.02
CA LEU A 1090 11.78 -3.95 -13.81
C LEU A 1090 11.11 -2.77 -13.09
N GLU A 1091 9.79 -2.68 -13.15
CA GLU A 1091 9.09 -1.61 -12.45
C GLU A 1091 8.68 -2.05 -11.04
N PHE A 1092 7.93 -3.15 -10.94
CA PHE A 1092 7.37 -3.60 -9.68
C PHE A 1092 8.43 -4.10 -8.71
N LEU A 1093 9.51 -4.71 -9.20
CA LEU A 1093 10.45 -5.42 -8.31
C LEU A 1093 11.29 -4.42 -7.54
N ASP A 1094 10.96 -4.27 -6.25
CA ASP A 1094 11.77 -3.52 -5.31
C ASP A 1094 11.35 -3.94 -3.90
N VAL A 1095 12.27 -4.50 -3.13
CA VAL A 1095 11.92 -5.14 -1.85
C VAL A 1095 12.20 -4.11 -0.76
N LEU A 1096 11.20 -3.27 -0.51
CA LEU A 1096 11.09 -2.43 0.69
C LEU A 1096 12.42 -1.79 1.08
N ASP A 1097 12.94 -0.95 0.19
CA ASP A 1097 14.16 -0.20 0.48
C ASP A 1097 13.96 0.65 1.73
N ASP A 1098 14.71 0.32 2.78
CA ASP A 1098 14.52 0.91 4.11
C ASP A 1098 15.84 1.41 4.67
N PRO A 1099 16.40 2.48 4.12
CA PRO A 1099 17.58 3.12 4.72
C PRO A 1099 17.26 4.12 5.83
N VAL A 1100 16.02 4.15 6.34
CA VAL A 1100 15.66 5.13 7.35
C VAL A 1100 16.26 4.76 8.71
N LEU A 1101 16.23 5.73 9.62
CA LEU A 1101 16.83 5.56 10.93
C LEU A 1101 16.02 4.59 11.78
N GLY A 1102 16.73 3.80 12.60
CA GLY A 1102 16.10 2.78 13.41
C GLY A 1102 15.87 1.46 12.71
N TYR A 1103 16.03 1.41 11.38
CA TYR A 1103 15.92 0.18 10.59
C TYR A 1103 17.15 0.04 9.70
N LEU A 1104 18.21 -0.54 10.24
CA LEU A 1104 19.26 -1.09 9.39
C LEU A 1104 18.65 -2.25 8.60
N PRO A 1105 18.87 -2.32 7.29
CA PRO A 1105 18.05 -3.21 6.44
C PRO A 1105 18.14 -4.65 6.89
N PRO A 1106 17.04 -5.21 7.39
CA PRO A 1106 17.04 -6.64 7.75
C PRO A 1106 17.17 -7.51 6.50
N THR A 1107 17.88 -8.62 6.66
CA THR A 1107 18.08 -9.53 5.55
C THR A 1107 16.75 -10.07 5.06
N VAL A 1108 16.55 -10.04 3.75
CA VAL A 1108 15.25 -10.38 3.15
C VAL A 1108 15.08 -11.89 3.11
N ILE A 1109 13.90 -12.35 3.51
CA ILE A 1109 13.51 -13.76 3.44
C ILE A 1109 12.00 -13.81 3.22
N THR A 1110 11.57 -14.65 2.28
CA THR A 1110 10.19 -14.70 1.83
C THR A 1110 9.62 -16.10 2.03
N ILE A 1111 8.40 -16.17 2.54
CA ILE A 1111 7.68 -17.44 2.73
C ILE A 1111 6.27 -17.22 2.18
N LEU A 1112 6.06 -17.62 0.92
CA LEU A 1112 4.78 -17.38 0.27
C LEU A 1112 3.79 -18.50 0.55
N HIS A 1113 2.51 -18.14 0.59
CA HIS A 1113 1.39 -19.08 0.67
C HIS A 1113 0.32 -18.66 -0.34
N THR A 1114 0.77 -18.29 -1.54
CA THR A 1114 -0.10 -17.66 -2.53
C THR A 1114 -1.28 -18.56 -2.89
N HIS A 1115 -2.40 -17.94 -3.33
CA HIS A 1115 -3.56 -18.66 -3.85
C HIS A 1115 -4.06 -17.97 -5.13
N LEU A 1116 -3.57 -18.46 -6.28
CA LEU A 1116 -4.04 -17.97 -7.58
C LEU A 1116 -5.33 -18.70 -7.98
N PHE A 1117 -6.36 -18.52 -7.15
CA PHE A 1117 -7.64 -19.18 -7.39
C PHE A 1117 -8.25 -18.68 -8.69
N SER A 1118 -8.64 -19.61 -9.57
CA SER A 1118 -9.38 -19.33 -10.80
C SER A 1118 -8.69 -18.28 -11.69
N CYS A 1119 -7.36 -18.23 -11.66
CA CYS A 1119 -6.60 -17.33 -12.53
C CYS A 1119 -6.48 -18.00 -13.90
N SER A 1120 -7.53 -17.83 -14.71
CA SER A 1120 -7.56 -18.46 -16.02
C SER A 1120 -6.50 -17.86 -16.93
N VAL A 1121 -5.84 -18.73 -17.68
CA VAL A 1121 -4.78 -18.34 -18.60
C VAL A 1121 -5.13 -18.85 -19.99
N ASP A 1122 -5.60 -17.94 -20.85
CA ASP A 1122 -5.98 -18.30 -22.21
C ASP A 1122 -5.41 -17.37 -23.28
N TYR A 1123 -4.49 -16.48 -22.94
CA TYR A 1123 -3.94 -15.55 -23.91
C TYR A 1123 -2.42 -15.47 -23.78
N ARG A 1124 -1.79 -16.60 -23.48
CA ARG A 1124 -0.34 -16.66 -23.40
C ARG A 1124 0.26 -16.52 -24.79
N PRO A 1125 0.90 -15.39 -25.11
CA PRO A 1125 1.36 -15.16 -26.48
C PRO A 1125 2.67 -15.87 -26.83
N LEU A 1126 2.76 -16.28 -28.08
CA LEU A 1126 3.94 -16.93 -28.64
C LEU A 1126 4.03 -16.52 -30.11
N TYR A 1127 4.89 -17.20 -30.87
CA TYR A 1127 5.05 -16.88 -32.28
C TYR A 1127 3.76 -17.11 -33.06
N LEU A 1128 3.09 -18.23 -32.80
CA LEU A 1128 1.86 -18.58 -33.49
C LEU A 1128 1.03 -19.59 -32.69
N PRO A 1129 0.52 -19.21 -31.52
CA PRO A 1129 -0.46 -20.07 -30.84
C PRO A 1129 -1.83 -19.92 -31.50
N VAL A 1130 -2.72 -20.86 -31.18
CA VAL A 1130 -4.08 -20.86 -31.74
C VAL A 1130 -5.04 -20.72 -30.55
N ARG A 1131 -5.35 -19.47 -30.19
CA ARG A 1131 -6.33 -19.11 -29.16
C ARG A 1131 -6.36 -20.14 -28.03
N VAL A 1132 -5.17 -20.40 -27.48
CA VAL A 1132 -4.96 -21.53 -26.57
C VAL A 1132 -5.73 -21.26 -25.28
N LEU A 1133 -6.46 -22.26 -24.80
CA LEU A 1133 -7.30 -22.12 -23.62
C LEU A 1133 -6.88 -23.18 -22.60
N ILE A 1134 -6.43 -22.72 -21.43
CA ILE A 1134 -6.09 -23.58 -20.31
C ILE A 1134 -6.88 -23.03 -19.12
N THR A 1135 -7.88 -23.78 -18.67
CA THR A 1135 -8.77 -23.31 -17.60
C THR A 1135 -8.36 -23.97 -16.30
N ALA A 1136 -7.39 -23.38 -15.62
CA ALA A 1136 -7.03 -23.81 -14.27
C ALA A 1136 -8.12 -23.38 -13.30
N GLU A 1137 -8.32 -24.17 -12.24
CA GLU A 1137 -9.28 -23.82 -11.20
C GLU A 1137 -8.60 -23.20 -9.99
N THR A 1138 -7.60 -23.90 -9.47
CA THR A 1138 -6.83 -23.43 -8.31
C THR A 1138 -5.35 -23.68 -8.58
N PHE A 1139 -4.55 -22.64 -8.48
CA PHE A 1139 -3.10 -22.74 -8.59
C PHE A 1139 -2.50 -22.38 -7.23
N THR A 1140 -2.44 -23.37 -6.36
CA THR A 1140 -2.12 -23.16 -4.94
C THR A 1140 -0.62 -23.35 -4.73
N LEU A 1141 0.16 -22.30 -5.06
CA LEU A 1141 1.61 -22.33 -4.85
C LEU A 1141 1.93 -22.09 -3.38
N SER A 1142 1.46 -23.02 -2.54
CA SER A 1142 1.66 -22.93 -1.09
C SER A 1142 3.07 -23.42 -0.73
N SER A 1143 4.04 -22.55 -1.00
CA SER A 1143 5.45 -22.83 -0.69
C SER A 1143 5.67 -22.62 0.80
N ASN A 1144 5.38 -23.67 1.58
CA ASN A 1144 5.57 -23.58 3.03
C ASN A 1144 7.04 -23.41 3.39
N ILE A 1145 7.95 -23.75 2.47
CA ILE A 1145 9.38 -23.61 2.70
C ILE A 1145 9.85 -22.29 2.11
N ILE A 1146 11.06 -21.86 2.49
CA ILE A 1146 11.59 -20.59 2.00
C ILE A 1146 12.00 -20.75 0.54
N MET A 1147 11.48 -19.86 -0.32
CA MET A 1147 11.79 -19.94 -1.74
C MET A 1147 13.22 -19.48 -2.02
N ASP A 1148 13.66 -18.40 -1.38
CA ASP A 1148 14.98 -17.82 -1.65
C ASP A 1148 16.03 -18.60 -0.87
N THR A 1149 16.28 -19.81 -1.34
CA THR A 1149 17.28 -20.70 -0.74
C THR A 1149 17.54 -21.84 -1.73
N SER A 1150 18.45 -22.73 -1.34
CA SER A 1150 18.74 -23.90 -2.17
C SER A 1150 17.53 -24.81 -2.27
N THR A 1151 16.83 -25.02 -1.16
CA THR A 1151 15.68 -25.92 -1.10
C THR A 1151 14.40 -25.10 -1.14
N PHE A 1152 13.35 -25.66 -1.76
CA PHE A 1152 12.05 -25.01 -1.86
C PHE A 1152 10.98 -26.09 -2.03
N LEU A 1153 10.27 -26.38 -0.94
CA LEU A 1153 9.12 -27.28 -1.02
C LEU A 1153 7.90 -26.50 -1.50
N LEU A 1154 7.31 -26.94 -2.62
CA LEU A 1154 6.20 -26.23 -3.26
C LEU A 1154 5.08 -27.23 -3.51
N ARG A 1155 4.06 -27.23 -2.65
CA ARG A 1155 2.91 -28.12 -2.80
C ARG A 1155 1.87 -27.48 -3.72
N PHE A 1156 2.01 -27.76 -5.02
CA PHE A 1156 1.01 -27.40 -6.01
C PHE A 1156 -0.20 -28.31 -5.95
N ILE A 1157 -1.05 -28.16 -4.93
CA ILE A 1157 -2.25 -28.96 -4.82
C ILE A 1157 -3.35 -28.34 -5.68
N LEU A 1158 -3.38 -28.71 -6.97
CA LEU A 1158 -4.42 -28.25 -7.87
C LEU A 1158 -5.71 -29.04 -7.65
N ASP A 1159 -6.82 -28.47 -8.13
CA ASP A 1159 -8.14 -29.11 -8.01
C ASP A 1159 -8.80 -29.13 -9.39
N ASP A 1160 -8.71 -30.27 -10.08
CA ASP A 1160 -9.53 -30.57 -11.26
C ASP A 1160 -9.36 -29.53 -12.36
N SER A 1161 -8.15 -29.46 -12.91
CA SER A 1161 -7.93 -28.56 -14.03
C SER A 1161 -8.47 -29.17 -15.32
N ALA A 1162 -8.22 -28.48 -16.44
CA ALA A 1162 -8.72 -28.91 -17.75
C ALA A 1162 -7.96 -28.16 -18.83
N LEU A 1163 -8.31 -28.44 -20.08
CA LEU A 1163 -7.69 -27.81 -21.24
C LEU A 1163 -8.63 -27.88 -22.43
N TYR A 1164 -8.61 -26.85 -23.26
CA TYR A 1164 -9.47 -26.76 -24.44
C TYR A 1164 -8.71 -26.08 -25.57
N LEU A 1165 -8.83 -26.62 -26.79
CA LEU A 1165 -8.04 -26.19 -27.92
C LEU A 1165 -8.92 -25.55 -28.98
N SER A 1166 -8.39 -24.52 -29.65
CA SER A 1166 -9.12 -23.72 -30.61
C SER A 1166 -9.11 -24.38 -31.99
N ASP A 1167 -9.46 -23.62 -33.03
CA ASP A 1167 -9.78 -24.19 -34.34
C ASP A 1167 -8.56 -24.62 -35.13
N LYS A 1168 -7.64 -23.71 -35.45
CA LYS A 1168 -6.60 -24.00 -36.42
C LYS A 1168 -5.31 -23.33 -36.00
N CYS A 1169 -4.19 -24.03 -36.25
CA CYS A 1169 -2.90 -23.64 -35.67
C CYS A 1169 -2.51 -22.22 -36.06
N GLU A 1170 -2.69 -21.86 -37.34
CA GLU A 1170 -2.50 -20.47 -37.73
C GLU A 1170 -3.34 -19.56 -36.85
N VAL A 1171 -2.71 -18.46 -36.41
CA VAL A 1171 -3.13 -17.74 -35.21
C VAL A 1171 -4.63 -17.50 -35.18
N GLU A 1172 -5.24 -17.24 -36.33
CA GLU A 1172 -6.67 -16.95 -36.39
C GLU A 1172 -7.44 -18.27 -36.26
N THR A 1173 -8.30 -18.33 -35.24
CA THR A 1173 -9.10 -19.50 -34.96
C THR A 1173 -10.47 -19.10 -34.42
N LEU A 1174 -11.51 -19.57 -35.11
CA LEU A 1174 -12.89 -19.34 -34.70
C LEU A 1174 -13.63 -20.66 -34.69
N ASP A 1175 -14.62 -20.77 -33.82
CA ASP A 1175 -15.46 -21.96 -33.73
C ASP A 1175 -16.72 -21.60 -32.96
N LEU A 1176 -17.68 -22.53 -32.95
CA LEU A 1176 -18.94 -22.28 -32.25
C LEU A 1176 -18.72 -22.11 -30.76
N ARG A 1177 -17.90 -22.98 -30.16
CA ARG A 1177 -17.54 -22.89 -28.74
C ARG A 1177 -16.04 -22.65 -28.64
N ARG A 1178 -15.66 -21.47 -28.18
CA ARG A 1178 -14.25 -21.20 -27.93
C ARG A 1178 -13.79 -21.88 -26.65
N ASP A 1179 -14.70 -22.17 -25.73
CA ASP A 1179 -14.49 -23.16 -24.68
C ASP A 1179 -14.75 -24.54 -25.29
N TYR A 1180 -13.80 -24.97 -26.12
CA TYR A 1180 -14.00 -26.06 -27.06
C TYR A 1180 -13.91 -27.40 -26.34
N VAL A 1181 -13.76 -28.47 -27.13
CA VAL A 1181 -13.74 -29.81 -26.55
C VAL A 1181 -12.51 -30.00 -25.67
N CYS A 1182 -12.64 -30.88 -24.69
CA CYS A 1182 -11.53 -31.19 -23.78
C CYS A 1182 -10.47 -32.00 -24.51
N VAL A 1183 -9.21 -31.79 -24.12
CA VAL A 1183 -8.09 -32.47 -24.74
C VAL A 1183 -7.31 -33.24 -23.68
N LEU A 1184 -6.89 -32.54 -22.63
CA LEU A 1184 -6.05 -33.13 -21.58
C LEU A 1184 -6.41 -32.49 -20.24
N ASP A 1185 -7.30 -33.13 -19.49
CA ASP A 1185 -7.71 -32.66 -18.18
C ASP A 1185 -7.01 -33.46 -17.09
N VAL A 1186 -6.86 -32.86 -15.92
CA VAL A 1186 -6.20 -33.49 -14.78
C VAL A 1186 -7.14 -33.46 -13.59
N ASP A 1187 -7.32 -34.63 -12.95
CA ASP A 1187 -8.15 -34.68 -11.75
C ASP A 1187 -7.47 -33.99 -10.59
N LEU A 1188 -6.17 -34.23 -10.40
CA LEU A 1188 -5.37 -33.55 -9.39
C LEU A 1188 -3.90 -33.79 -9.73
N LEU A 1189 -3.06 -32.80 -9.46
CA LEU A 1189 -1.64 -32.92 -9.71
C LEU A 1189 -0.87 -32.31 -8.55
N GLU A 1190 -0.55 -33.12 -7.56
CA GLU A 1190 0.16 -32.68 -6.36
C GLU A 1190 1.66 -32.71 -6.64
N LEU A 1191 2.12 -31.81 -7.53
CA LEU A 1191 3.55 -31.73 -7.85
C LEU A 1191 4.25 -31.07 -6.66
N VAL A 1192 4.55 -31.88 -5.65
CA VAL A 1192 5.25 -31.39 -4.48
C VAL A 1192 6.76 -31.41 -4.75
N ILE A 1193 7.24 -30.40 -5.48
CA ILE A 1193 8.65 -30.35 -5.81
C ILE A 1193 9.45 -29.91 -4.59
N LYS A 1194 10.62 -30.52 -4.40
CA LYS A 1194 11.62 -30.06 -3.45
C LYS A 1194 12.89 -29.85 -4.26
N THR A 1195 12.99 -28.69 -4.91
CA THR A 1195 14.16 -28.34 -5.71
C THR A 1195 15.31 -28.01 -4.78
N TRP A 1196 16.39 -28.79 -4.88
CA TRP A 1196 17.60 -28.56 -4.10
C TRP A 1196 18.64 -27.90 -5.00
N LYS A 1197 18.58 -26.58 -5.11
CA LYS A 1197 19.49 -25.83 -5.96
C LYS A 1197 20.67 -25.29 -5.15
N LYS A 1203 12.85 -35.34 -0.56
CA LYS A 1203 12.92 -36.79 -0.45
C LYS A 1203 14.34 -37.26 -0.23
N LEU A 1204 15.19 -36.38 0.30
CA LEU A 1204 16.58 -36.66 0.63
C LEU A 1204 17.41 -37.00 -0.60
N SER A 1205 16.94 -36.63 -1.80
CA SER A 1205 17.66 -36.89 -3.05
C SER A 1205 18.65 -35.75 -3.27
N GLN A 1206 19.93 -36.04 -2.99
CA GLN A 1206 21.02 -35.08 -3.07
C GLN A 1206 21.14 -34.45 -4.44
N PRO A 1207 20.71 -35.14 -5.52
CA PRO A 1207 20.86 -34.58 -6.86
C PRO A 1207 20.17 -33.24 -7.04
N LEU A 1208 20.84 -32.31 -7.71
CA LEU A 1208 20.32 -30.95 -7.85
C LEU A 1208 19.05 -30.94 -8.69
N PHE A 1209 18.10 -30.10 -8.28
CA PHE A 1209 16.84 -29.90 -8.99
C PHE A 1209 16.04 -31.20 -9.08
N GLU A 1210 15.82 -31.86 -7.95
CA GLU A 1210 15.02 -33.07 -7.89
C GLU A 1210 13.54 -32.69 -8.04
N LEU A 1211 13.12 -32.50 -9.29
CA LEU A 1211 11.73 -32.19 -9.59
C LEU A 1211 10.86 -33.43 -9.44
N ARG A 1212 10.67 -33.84 -8.19
CA ARG A 1212 9.84 -35.00 -7.91
C ARG A 1212 8.37 -34.62 -8.08
N CYS A 1213 7.94 -34.53 -9.34
CA CYS A 1213 6.54 -34.24 -9.67
C CYS A 1213 5.73 -35.49 -9.43
N SER A 1214 5.35 -35.73 -8.17
CA SER A 1214 4.57 -36.92 -7.83
C SER A 1214 3.11 -36.74 -8.26
N ASN A 1215 2.93 -36.55 -9.56
CA ASN A 1215 1.63 -36.34 -10.16
C ASN A 1215 0.69 -37.48 -9.82
N ASN A 1216 -0.60 -37.17 -9.70
CA ASN A 1216 -1.59 -38.19 -9.32
C ASN A 1216 -2.02 -39.01 -10.53
N VAL A 1217 -2.61 -38.36 -11.54
CA VAL A 1217 -3.11 -39.05 -12.73
C VAL A 1217 -3.36 -38.04 -13.86
N VAL A 1218 -3.41 -38.53 -15.11
CA VAL A 1218 -3.68 -37.70 -16.28
C VAL A 1218 -4.74 -38.34 -17.17
N HIS A 1219 -5.99 -37.94 -17.02
CA HIS A 1219 -7.02 -38.39 -17.97
C HIS A 1219 -6.81 -37.68 -19.31
N VAL A 1220 -7.08 -38.41 -20.40
CA VAL A 1220 -7.02 -37.84 -21.75
C VAL A 1220 -8.17 -38.40 -22.57
N HIS A 1221 -8.93 -37.52 -23.21
CA HIS A 1221 -9.97 -37.89 -24.15
C HIS A 1221 -9.73 -37.18 -25.47
N SER A 1222 -10.05 -37.84 -26.57
CA SER A 1222 -9.67 -37.27 -27.86
C SER A 1222 -10.46 -37.93 -28.99
N CYS A 1223 -10.42 -37.27 -30.14
CA CYS A 1223 -10.80 -37.84 -31.43
C CYS A 1223 -9.60 -37.68 -32.37
N ALA A 1224 -9.57 -38.42 -33.48
CA ALA A 1224 -8.40 -38.40 -34.35
C ALA A 1224 -8.03 -36.97 -34.75
N ASP A 1225 -9.04 -36.18 -35.14
CA ASP A 1225 -8.79 -34.78 -35.47
C ASP A 1225 -8.27 -34.01 -34.27
N SER A 1226 -8.86 -34.24 -33.09
CA SER A 1226 -8.48 -33.48 -31.90
C SER A 1226 -7.01 -33.71 -31.53
N CYS A 1227 -6.61 -34.97 -31.42
CA CYS A 1227 -5.22 -35.24 -31.05
C CYS A 1227 -4.26 -34.90 -32.17
N ALA A 1228 -4.66 -35.09 -33.43
CA ALA A 1228 -3.81 -34.64 -34.53
C ALA A 1228 -3.55 -33.14 -34.46
N LEU A 1229 -4.62 -32.36 -34.26
CA LEU A 1229 -4.47 -30.91 -34.13
C LEU A 1229 -3.63 -30.55 -32.91
N LEU A 1230 -3.80 -31.27 -31.80
CA LEU A 1230 -3.00 -31.01 -30.62
C LEU A 1230 -1.52 -31.27 -30.89
N VAL A 1231 -1.21 -32.33 -31.63
CA VAL A 1231 0.17 -32.63 -31.97
C VAL A 1231 0.74 -31.55 -32.88
N ASN A 1232 -0.06 -31.07 -33.84
CA ASN A 1232 0.37 -29.93 -34.65
C ASN A 1232 0.60 -28.69 -33.78
N LEU A 1233 -0.24 -28.48 -32.77
CA LEU A 1233 -0.08 -27.35 -31.88
C LEU A 1233 1.24 -27.43 -31.13
N LEU A 1234 1.55 -28.61 -30.58
CA LEU A 1234 2.82 -28.80 -29.88
C LEU A 1234 4.00 -28.68 -30.82
N GLN A 1235 3.85 -29.13 -32.08
CA GLN A 1235 4.94 -29.04 -33.04
C GLN A 1235 5.22 -27.59 -33.43
N TYR A 1236 4.17 -26.84 -33.75
CA TYR A 1236 4.35 -25.47 -34.25
C TYR A 1236 4.71 -24.50 -33.13
N VAL A 1237 4.06 -24.65 -31.97
CA VAL A 1237 4.29 -23.74 -30.86
C VAL A 1237 5.63 -24.02 -30.20
N SER A 1416 20.08 -34.84 -11.84
CA SER A 1416 18.84 -34.21 -12.28
C SER A 1416 17.68 -35.19 -12.22
N THR A 1417 17.47 -35.78 -11.04
CA THR A 1417 16.42 -36.78 -10.87
C THR A 1417 15.05 -36.14 -11.07
N ARG A 1418 14.21 -36.83 -11.84
CA ARG A 1418 12.84 -36.42 -12.13
C ARG A 1418 11.87 -37.56 -11.86
N VAL A 1419 11.96 -38.13 -10.65
CA VAL A 1419 11.24 -39.37 -10.34
C VAL A 1419 9.77 -39.07 -10.13
N VAL A 1420 8.97 -39.31 -11.18
CA VAL A 1420 7.55 -38.98 -11.11
C VAL A 1420 6.80 -40.00 -10.29
N LEU A 1421 6.92 -41.28 -10.66
CA LEU A 1421 5.97 -42.31 -10.23
C LEU A 1421 4.55 -41.83 -10.50
N ARG A 1422 4.34 -41.34 -11.72
CA ARG A 1422 3.11 -40.66 -12.10
C ARG A 1422 2.36 -41.52 -13.12
N GLU A 1423 1.10 -41.83 -12.80
CA GLU A 1423 0.23 -42.52 -13.75
C GLU A 1423 0.20 -41.74 -15.05
N VAL A 1424 0.42 -42.43 -16.18
CA VAL A 1424 0.67 -41.71 -17.43
C VAL A 1424 -0.65 -41.32 -18.09
N SER A 1425 -1.59 -42.26 -18.19
CA SER A 1425 -2.87 -41.94 -18.82
C SER A 1425 -3.94 -42.97 -18.51
N LEU A 1426 -5.06 -42.51 -17.97
CA LEU A 1426 -6.32 -43.27 -18.01
C LEU A 1426 -7.12 -42.85 -19.24
N VAL A 1427 -6.46 -42.94 -20.39
CA VAL A 1427 -6.90 -42.29 -21.63
C VAL A 1427 -8.14 -43.00 -22.17
N TRP A 1428 -9.28 -42.32 -22.12
CA TRP A 1428 -10.51 -42.75 -22.78
C TRP A 1428 -10.48 -42.55 -24.29
N HIS A 1429 -9.38 -42.05 -24.85
CA HIS A 1429 -9.29 -41.71 -26.26
C HIS A 1429 -9.48 -42.91 -27.17
N HIS A 1479 -15.15 -39.34 -34.59
CA HIS A 1479 -14.70 -39.47 -33.20
C HIS A 1479 -14.68 -40.92 -32.77
N VAL A 1480 -13.81 -41.25 -31.82
CA VAL A 1480 -13.62 -42.61 -31.35
C VAL A 1480 -13.58 -42.64 -29.83
N LEU A 1481 -13.86 -43.82 -29.28
CA LEU A 1481 -13.69 -44.08 -27.86
C LEU A 1481 -12.91 -45.38 -27.70
N MET A 1482 -11.74 -45.29 -27.08
CA MET A 1482 -10.89 -46.48 -26.91
C MET A 1482 -10.05 -46.27 -25.65
N GLU A 1483 -10.47 -46.91 -24.55
CA GLU A 1483 -9.75 -46.77 -23.29
C GLU A 1483 -8.34 -47.33 -23.42
N ILE A 1484 -7.38 -46.62 -22.82
CA ILE A 1484 -6.01 -47.09 -22.69
C ILE A 1484 -5.53 -46.67 -21.31
N GLN A 1485 -4.81 -47.56 -20.63
CA GLN A 1485 -4.31 -47.27 -19.29
C GLN A 1485 -2.80 -47.45 -19.26
N LEU A 1486 -2.16 -46.66 -18.39
CA LEU A 1486 -0.74 -46.80 -18.10
C LEU A 1486 -0.57 -46.35 -16.66
N SER A 1487 -0.56 -47.32 -15.75
CA SER A 1487 -0.57 -47.04 -14.32
C SER A 1487 0.84 -47.08 -13.75
N LYS A 1488 1.18 -46.04 -12.99
CA LYS A 1488 2.44 -45.98 -12.25
C LYS A 1488 3.65 -46.07 -13.16
N VAL A 1489 3.69 -45.23 -14.21
CA VAL A 1489 4.80 -45.26 -15.14
C VAL A 1489 5.92 -44.42 -14.55
N SER A 1490 6.76 -45.05 -13.73
CA SER A 1490 7.79 -44.33 -12.96
C SER A 1490 8.97 -43.99 -13.88
N PHE A 1491 8.70 -43.08 -14.80
CA PHE A 1491 9.74 -42.57 -15.70
C PHE A 1491 10.68 -41.63 -14.96
N GLN A 1492 11.47 -42.17 -14.03
CA GLN A 1492 12.44 -41.38 -13.30
C GLN A 1492 13.66 -41.08 -14.15
N HIS A 1493 13.50 -40.22 -15.17
CA HIS A 1493 14.61 -39.93 -16.08
C HIS A 1493 15.79 -39.35 -15.31
N GLU A 1494 16.99 -39.74 -15.71
CA GLU A 1494 18.24 -39.25 -15.12
C GLU A 1494 18.32 -39.52 -13.62
N VAL A 1495 17.57 -40.52 -13.14
CA VAL A 1495 17.61 -40.86 -11.73
C VAL A 1495 19.02 -41.27 -11.32
N TYR A 1496 19.67 -42.12 -12.10
CA TYR A 1496 21.00 -42.60 -11.79
C TYR A 1496 22.02 -42.11 -12.81
N ARG A 1514 22.47 -47.92 -16.34
CA ARG A 1514 21.67 -46.94 -15.63
C ARG A 1514 22.50 -45.73 -15.24
N PRO A 1515 23.80 -45.78 -15.50
CA PRO A 1515 24.69 -44.70 -15.05
C PRO A 1515 24.32 -43.32 -15.56
N LEU A 1516 23.88 -43.22 -16.83
CA LEU A 1516 23.56 -41.93 -17.41
C LEU A 1516 22.15 -41.99 -17.99
N SER A 1517 21.23 -41.25 -17.38
CA SER A 1517 19.84 -41.21 -17.82
C SER A 1517 19.25 -42.63 -17.94
N ARG A 1518 19.14 -43.29 -16.79
CA ARG A 1518 18.50 -44.60 -16.76
C ARG A 1518 17.11 -44.54 -17.38
N GLN A 1519 16.38 -43.46 -17.08
CA GLN A 1519 15.16 -43.08 -17.79
C GLN A 1519 14.19 -44.25 -17.89
N VAL A 1520 14.20 -45.08 -16.84
CA VAL A 1520 13.49 -46.36 -16.88
C VAL A 1520 12.00 -46.11 -17.02
N PHE A 1521 11.43 -46.58 -18.13
CA PHE A 1521 9.98 -46.60 -18.26
C PHE A 1521 9.36 -47.32 -17.07
N ILE A 1522 9.97 -48.43 -16.64
CA ILE A 1522 9.61 -49.13 -15.41
C ILE A 1522 8.10 -49.29 -15.29
N VAL A 1523 7.42 -49.45 -16.43
CA VAL A 1523 5.97 -49.30 -16.45
C VAL A 1523 5.36 -50.42 -15.61
N GLN A 1524 4.81 -50.05 -14.45
CA GLN A 1524 4.24 -51.03 -13.53
C GLN A 1524 3.06 -51.74 -14.16
N GLU A 1525 2.35 -51.04 -15.06
CA GLU A 1525 1.30 -51.63 -15.86
C GLU A 1525 1.14 -50.80 -17.14
N LEU A 1526 1.24 -51.47 -18.28
CA LEU A 1526 1.11 -50.83 -19.59
C LEU A 1526 -0.05 -51.39 -20.38
N GLU A 1527 -1.04 -51.98 -19.70
CA GLU A 1527 -2.19 -52.54 -20.38
C GLU A 1527 -2.80 -51.54 -21.35
N VAL A 1528 -2.74 -51.87 -22.63
CA VAL A 1528 -3.41 -51.09 -23.67
C VAL A 1528 -4.86 -51.55 -23.63
N ARG A 1529 -5.68 -50.80 -22.91
CA ARG A 1529 -7.02 -51.27 -22.57
C ARG A 1529 -7.87 -51.54 -23.81
N ASP A 1530 -7.77 -50.67 -24.82
CA ASP A 1530 -8.58 -50.84 -26.01
C ASP A 1530 -7.98 -50.06 -27.17
N ARG A 1531 -8.44 -50.43 -28.36
CA ARG A 1531 -8.16 -49.68 -29.58
C ARG A 1531 -9.35 -49.87 -30.51
N LEU A 1532 -9.18 -49.43 -31.76
CA LEU A 1532 -10.19 -49.58 -32.81
C LEU A 1532 -11.45 -48.82 -32.39
N ALA A 1533 -12.65 -49.37 -32.58
CA ALA A 1533 -13.87 -48.67 -32.16
C ALA A 1533 -14.28 -49.08 -30.76
N SER A 1534 -13.65 -50.11 -30.20
CA SER A 1534 -14.00 -50.66 -28.90
C SER A 1534 -13.49 -49.74 -27.81
N SER A 1535 -14.39 -49.31 -26.92
CA SER A 1535 -13.97 -48.55 -25.75
C SER A 1535 -13.81 -49.44 -24.52
N GLN A 1536 -14.40 -50.63 -24.54
CA GLN A 1536 -14.29 -51.54 -23.41
C GLN A 1536 -12.88 -52.11 -23.32
N ILE A 1537 -12.43 -52.36 -22.09
CA ILE A 1537 -11.05 -52.80 -21.89
C ILE A 1537 -10.90 -54.25 -22.34
N ASN A 1538 -9.92 -54.47 -23.23
CA ASN A 1538 -9.53 -55.80 -23.68
C ASN A 1538 -8.01 -55.81 -23.79
N LYS A 1539 -7.39 -56.84 -23.23
CA LYS A 1539 -5.97 -56.74 -22.91
C LYS A 1539 -5.11 -56.75 -24.16
N PHE A 1540 -4.79 -55.55 -24.67
CA PHE A 1540 -3.69 -55.36 -25.59
C PHE A 1540 -2.46 -54.96 -24.80
N LEU A 1541 -1.29 -55.37 -25.29
CA LEU A 1541 -0.04 -54.91 -24.69
C LEU A 1541 0.77 -54.25 -25.81
N TYR A 1542 2.01 -53.89 -25.48
CA TYR A 1542 2.88 -53.15 -26.39
C TYR A 1542 3.06 -53.84 -27.75
N SER A 1555 3.15 -54.29 -10.58
CA SER A 1555 2.91 -55.72 -10.64
C SER A 1555 3.44 -56.30 -11.95
N ASN A 1556 2.91 -55.81 -13.08
CA ASN A 1556 3.41 -56.25 -14.38
C ASN A 1556 4.87 -55.89 -14.55
N MET A 1557 5.25 -54.68 -14.12
CA MET A 1557 6.63 -54.20 -14.20
C MET A 1557 7.17 -54.22 -15.63
N LEU A 1558 6.33 -53.80 -16.58
CA LEU A 1558 6.67 -53.86 -18.00
C LEU A 1558 7.66 -52.74 -18.31
N THR A 1559 8.94 -52.97 -18.03
CA THR A 1559 9.99 -52.00 -18.30
C THR A 1559 10.38 -52.07 -19.78
N ILE A 1560 9.41 -51.73 -20.62
CA ILE A 1560 9.63 -51.80 -22.07
C ILE A 1560 10.82 -50.95 -22.46
N LYS A 1561 11.05 -49.84 -21.76
CA LYS A 1561 12.10 -48.90 -22.11
C LYS A 1561 13.13 -48.70 -21.01
N ALA A 1562 13.28 -49.65 -20.08
CA ALA A 1562 14.38 -49.61 -19.13
C ALA A 1562 15.69 -49.41 -19.89
N LEU A 1563 16.35 -48.28 -19.65
CA LEU A 1563 17.46 -47.87 -20.50
C LEU A 1563 18.76 -47.83 -19.71
N HIS A 1564 19.83 -47.52 -20.45
CA HIS A 1564 21.18 -47.33 -19.93
C HIS A 1564 22.01 -46.72 -21.04
N VAL A 1565 23.29 -46.52 -20.79
CA VAL A 1565 24.20 -46.11 -21.85
C VAL A 1565 25.47 -46.95 -21.80
N CYS A 1576 19.72 -48.18 -25.09
CA CYS A 1576 20.82 -49.14 -25.09
C CYS A 1576 20.41 -50.44 -24.41
N CYS A 1577 19.11 -50.56 -24.12
CA CYS A 1577 18.55 -51.75 -23.50
C CYS A 1577 17.03 -51.67 -23.61
N LEU A 1578 16.37 -52.78 -23.27
CA LEU A 1578 14.92 -52.88 -23.29
C LEU A 1578 14.54 -54.16 -22.56
N ARG A 1579 13.22 -54.40 -22.44
CA ARG A 1579 12.74 -55.56 -21.72
C ARG A 1579 11.26 -55.81 -21.99
N VAL A 1580 10.67 -56.77 -21.27
CA VAL A 1580 9.27 -57.13 -21.43
C VAL A 1580 8.87 -57.94 -20.20
N SER A 1581 7.58 -57.96 -19.90
CA SER A 1581 7.10 -58.41 -18.60
C SER A 1581 6.60 -59.85 -18.58
N LEU A 1582 6.65 -60.55 -19.71
CA LEU A 1582 6.25 -61.97 -19.78
C LEU A 1582 4.84 -62.18 -19.22
N MET A 1583 3.91 -61.31 -19.61
CA MET A 1583 2.53 -61.47 -19.15
C MET A 1583 1.94 -62.75 -19.73
N PRO A 1584 0.96 -63.36 -19.05
CA PRO A 1584 0.41 -64.63 -19.56
C PRO A 1584 -0.24 -64.52 -20.93
N LEU A 1585 -0.86 -63.38 -21.23
CA LEU A 1585 -1.45 -63.12 -22.54
C LEU A 1585 -1.22 -61.65 -22.88
N ARG A 1586 -0.68 -61.39 -24.06
CA ARG A 1586 -0.28 -60.03 -24.43
C ARG A 1586 -1.15 -59.46 -25.54
N LEU A 1587 -1.25 -60.13 -26.69
CA LEU A 1587 -1.89 -59.56 -27.87
C LEU A 1587 -3.17 -60.31 -28.14
N ASN A 1588 -4.30 -59.78 -27.67
CA ASN A 1588 -5.63 -60.31 -27.94
C ASN A 1588 -6.32 -59.32 -28.88
N VAL A 1589 -6.08 -59.50 -30.19
CA VAL A 1589 -6.55 -58.57 -31.20
C VAL A 1589 -7.68 -59.24 -31.98
N ASP A 1590 -8.91 -59.04 -31.52
CA ASP A 1590 -10.11 -59.47 -32.24
C ASP A 1590 -11.24 -58.46 -32.16
N GLN A 1591 -10.93 -57.20 -31.81
CA GLN A 1591 -11.94 -56.19 -31.51
C GLN A 1591 -12.02 -55.18 -32.65
N ASP A 1592 -13.22 -55.06 -33.24
CA ASP A 1592 -13.50 -54.12 -34.33
C ASP A 1592 -12.48 -54.34 -35.43
N ALA A 1593 -11.67 -53.34 -35.79
CA ALA A 1593 -10.64 -53.50 -36.82
C ALA A 1593 -9.28 -53.24 -36.18
N LEU A 1594 -8.40 -54.25 -36.22
CA LEU A 1594 -7.04 -54.04 -35.75
C LEU A 1594 -6.33 -52.98 -36.59
N PHE A 1595 -6.82 -52.76 -37.81
CA PHE A 1595 -6.30 -51.68 -38.64
C PHE A 1595 -7.07 -50.39 -38.46
N PHE A 1596 -8.04 -50.36 -37.53
CA PHE A 1596 -8.71 -49.10 -37.23
C PHE A 1596 -7.73 -48.11 -36.61
N LEU A 1597 -6.77 -48.59 -35.84
CA LEU A 1597 -5.69 -47.72 -35.38
C LEU A 1597 -4.77 -47.34 -36.54
N LYS A 1598 -4.70 -48.17 -37.57
CA LYS A 1598 -3.97 -47.80 -38.78
C LYS A 1598 -4.63 -46.63 -39.48
N ASP A 1599 -5.96 -46.66 -39.60
CA ASP A 1599 -6.65 -45.52 -40.20
C ASP A 1599 -6.64 -44.32 -39.24
N PHE A 1600 -6.54 -44.57 -37.94
CA PHE A 1600 -6.29 -43.50 -37.00
C PHE A 1600 -4.94 -42.83 -37.27
N PHE A 1601 -3.92 -43.63 -37.56
CA PHE A 1601 -2.62 -43.07 -37.93
C PHE A 1601 -2.69 -42.34 -39.27
N THR A 1602 -3.50 -42.84 -40.20
CA THR A 1602 -3.71 -42.13 -41.47
C THR A 1602 -4.37 -40.77 -41.24
N SER A 1603 -5.40 -40.73 -40.40
CA SER A 1603 -6.03 -39.47 -40.06
C SER A 1603 -5.09 -38.58 -39.26
N LEU A 1604 -4.14 -39.18 -38.54
CA LEU A 1604 -3.14 -38.41 -37.83
C LEU A 1604 -2.21 -37.71 -38.80
N VAL A 1605 -1.64 -38.46 -39.75
CA VAL A 1605 -0.79 -37.83 -40.76
C VAL A 1605 -1.57 -36.87 -41.63
N ALA A 1606 -2.89 -37.05 -41.73
CA ALA A 1606 -3.73 -36.05 -42.38
C ALA A 1606 -3.91 -34.81 -41.53
N GLY A 1607 -3.94 -34.97 -40.21
CA GLY A 1607 -4.02 -33.85 -39.29
C GLY A 1607 -2.63 -33.33 -38.96
N ILE A 1608 -1.75 -34.22 -38.50
CA ILE A 1608 -0.35 -33.87 -38.31
C ILE A 1608 0.32 -33.96 -39.66
N ASN A 1609 0.34 -32.83 -40.37
CA ASN A 1609 0.84 -32.81 -41.74
C ASN A 1609 2.27 -33.31 -41.83
N PRO A 1610 3.21 -32.84 -41.00
CA PRO A 1610 4.54 -33.44 -40.99
C PRO A 1610 4.62 -34.67 -40.09
N VAL A 1611 4.88 -35.84 -40.66
CA VAL A 1611 5.05 -37.07 -39.90
C VAL A 1611 6.36 -37.70 -40.40
N VAL A 1612 7.46 -37.37 -39.74
CA VAL A 1612 8.78 -37.82 -40.18
C VAL A 1612 9.00 -39.30 -39.84
N PRO A 1613 8.85 -39.74 -38.57
CA PRO A 1613 9.16 -41.16 -38.30
C PRO A 1613 8.03 -42.09 -38.71
N GLY A 1614 7.86 -42.26 -40.02
CA GLY A 1614 6.81 -43.10 -40.55
C GLY A 1614 7.24 -44.55 -40.75
N ARG A 1665 24.46 -50.76 -23.79
CA ARG A 1665 25.25 -51.64 -24.64
C ARG A 1665 24.41 -52.23 -25.77
N GLU A 1666 24.61 -53.52 -26.04
CA GLU A 1666 23.79 -54.23 -27.01
C GLU A 1666 22.34 -54.25 -26.53
N PHE A 1667 21.41 -54.08 -27.47
CA PHE A 1667 20.01 -53.86 -27.10
C PHE A 1667 19.47 -54.95 -26.19
N ARG A 1668 19.59 -56.21 -26.59
CA ARG A 1668 18.84 -57.30 -25.96
C ARG A 1668 17.36 -56.93 -25.85
N PHE A 1669 16.84 -56.33 -26.92
CA PHE A 1669 15.48 -55.79 -26.93
C PHE A 1669 14.46 -56.91 -27.09
N THR A 1670 14.41 -57.76 -26.06
CA THR A 1670 13.53 -58.91 -26.06
C THR A 1670 12.06 -58.49 -26.10
N SER A 1671 11.24 -59.37 -26.66
CA SER A 1671 9.80 -59.34 -26.46
C SER A 1671 9.36 -60.20 -25.28
N GLU A 1672 10.24 -61.10 -24.84
CA GLU A 1672 10.21 -61.76 -23.53
C GLU A 1672 8.83 -62.11 -23.02
N VAL A 1673 7.93 -62.55 -23.88
CA VAL A 1673 6.63 -63.01 -23.44
C VAL A 1673 6.17 -64.18 -24.31
N PRO A 1674 5.79 -65.31 -23.72
CA PRO A 1674 5.24 -66.41 -24.53
C PRO A 1674 3.88 -66.03 -25.08
N ILE A 1675 3.89 -65.20 -26.13
CA ILE A 1675 2.71 -64.48 -26.56
C ILE A 1675 1.53 -65.42 -26.75
N TRP A 1676 0.42 -65.10 -26.10
CA TRP A 1676 -0.85 -65.81 -26.31
C TRP A 1676 -1.67 -64.97 -27.28
N LEU A 1677 -1.29 -65.01 -28.55
CA LEU A 1677 -2.00 -64.29 -29.60
C LEU A 1677 -3.40 -64.87 -29.77
N ASP A 1678 -4.40 -63.99 -29.77
CA ASP A 1678 -5.80 -64.39 -29.88
C ASP A 1678 -6.18 -65.40 -28.80
N THR A 1691 0.55 -58.84 -44.11
CA THR A 1691 0.29 -57.89 -43.05
C THR A 1691 0.24 -58.58 -41.69
N PHE A 1692 0.98 -58.04 -40.72
CA PHE A 1692 0.95 -58.60 -39.37
C PHE A 1692 -0.44 -58.46 -38.76
N ALA A 1693 -1.06 -57.30 -38.94
CA ALA A 1693 -2.42 -57.10 -38.46
C ALA A 1693 -3.40 -58.02 -39.17
N GLY A 1694 -3.21 -58.21 -40.49
CA GLY A 1694 -4.07 -59.13 -41.22
C GLY A 1694 -3.96 -60.55 -40.72
N LEU A 1695 -2.74 -61.01 -40.46
CA LEU A 1695 -2.56 -62.37 -39.94
C LEU A 1695 -3.11 -62.49 -38.53
N LEU A 1696 -2.96 -61.45 -37.70
CA LEU A 1696 -3.55 -61.48 -36.37
C LEU A 1696 -5.06 -61.57 -36.44
N ILE A 1697 -5.68 -60.82 -37.35
CA ILE A 1697 -7.13 -60.89 -37.51
C ILE A 1697 -7.56 -62.26 -38.01
N GLY A 1698 -6.82 -62.82 -38.98
CA GLY A 1698 -7.16 -64.13 -39.49
C GLY A 1698 -7.05 -65.22 -38.43
N LEU A 1699 -6.00 -65.16 -37.60
CA LEU A 1699 -5.84 -66.15 -36.55
C LEU A 1699 -6.81 -65.94 -35.40
N ALA A 1700 -7.46 -64.78 -35.33
CA ALA A 1700 -8.42 -64.50 -34.27
C ALA A 1700 -9.85 -64.51 -34.80
N SER A 1705 1.54 -69.07 -27.39
CA SER A 1705 0.31 -69.52 -28.05
C SER A 1705 0.05 -68.71 -29.31
N GLU A 1706 0.22 -69.36 -30.46
CA GLU A 1706 0.14 -68.82 -31.82
C GLU A 1706 1.38 -67.99 -32.16
N LEU A 1707 2.31 -67.80 -31.24
CA LEU A 1707 3.54 -67.07 -31.49
C LEU A 1707 4.55 -67.39 -30.40
N LYS A 1708 5.72 -66.75 -30.44
CA LYS A 1708 6.74 -66.96 -29.43
C LYS A 1708 7.52 -65.67 -29.23
N LEU A 1709 8.17 -65.57 -28.07
CA LEU A 1709 8.96 -64.39 -27.76
C LEU A 1709 10.29 -64.43 -28.52
N LYS A 1710 10.70 -63.26 -29.01
CA LYS A 1710 11.86 -63.18 -29.88
C LYS A 1710 13.17 -63.50 -29.16
N ARG A 1711 13.32 -63.09 -27.90
CA ARG A 1711 14.55 -63.31 -27.15
C ARG A 1711 15.77 -62.79 -27.89
N LEU A 1712 15.70 -61.55 -28.38
CA LEU A 1712 16.76 -61.00 -29.19
C LEU A 1712 17.98 -60.63 -28.36
N CYS A 1713 18.62 -61.63 -27.75
CA CYS A 1713 19.79 -61.35 -26.91
C CYS A 1713 20.91 -60.76 -27.74
N CYS A 1714 21.32 -59.55 -27.36
CA CYS A 1714 22.42 -58.83 -28.00
C CYS A 1714 22.27 -58.78 -29.52
N ARG A 1715 21.01 -58.78 -29.98
CA ARG A 1715 20.76 -58.73 -31.41
C ARG A 1715 21.23 -57.40 -32.01
N HIS A 1716 20.86 -56.28 -31.37
CA HIS A 1716 21.18 -54.94 -31.85
C HIS A 1716 20.60 -54.69 -33.24
N GLY A 1717 19.52 -55.41 -33.57
CA GLY A 1717 18.90 -55.26 -34.88
C GLY A 1717 18.34 -53.87 -35.10
N LEU A 1718 17.93 -53.20 -34.02
CA LEU A 1718 17.38 -51.86 -34.09
C LEU A 1718 18.51 -50.84 -34.08
N LEU A 1719 18.26 -49.70 -34.71
CA LEU A 1719 19.17 -48.56 -34.71
C LEU A 1719 18.40 -47.26 -34.57
N GLY A 1720 17.23 -47.31 -33.92
CA GLY A 1720 16.31 -46.20 -33.85
C GLY A 1720 15.44 -46.02 -35.08
N VAL A 1721 15.89 -46.49 -36.23
CA VAL A 1721 15.08 -46.49 -37.45
C VAL A 1721 15.07 -47.91 -38.00
N ASP A 1722 15.96 -48.74 -37.48
CA ASP A 1722 16.09 -50.13 -37.88
C ASP A 1722 15.39 -51.09 -36.94
N LYS A 1723 14.47 -50.60 -36.10
CA LYS A 1723 13.68 -51.49 -35.24
C LYS A 1723 12.90 -52.49 -36.08
N VAL A 1724 12.29 -52.01 -37.17
CA VAL A 1724 11.59 -52.92 -38.09
C VAL A 1724 12.57 -53.91 -38.69
N LEU A 1725 13.79 -53.48 -38.99
CA LEU A 1725 14.81 -54.37 -39.52
C LEU A 1725 15.13 -55.48 -38.53
N GLY A 1726 15.25 -55.14 -37.25
CA GLY A 1726 15.54 -56.14 -36.24
C GLY A 1726 14.36 -57.05 -35.98
N TYR A 1727 13.15 -56.53 -36.17
CA TYR A 1727 11.93 -57.34 -36.06
C TYR A 1727 11.83 -58.31 -37.22
N ALA A 1728 12.37 -57.92 -38.37
CA ALA A 1728 12.33 -58.74 -39.58
C ALA A 1728 13.43 -59.79 -39.62
N LEU A 1729 14.28 -59.86 -38.59
CA LEU A 1729 15.32 -60.87 -38.55
C LEU A 1729 14.73 -62.27 -38.52
N ASN A 1730 15.23 -63.14 -39.39
CA ASN A 1730 14.77 -64.53 -39.50
C ASN A 1730 13.27 -64.60 -39.72
N GLU A 1731 12.63 -65.66 -39.21
CA GLU A 1731 11.20 -65.84 -39.34
C GLU A 1731 10.71 -66.70 -38.18
N TRP A 1732 9.42 -66.56 -37.86
CA TRP A 1732 8.83 -67.30 -36.76
C TRP A 1732 7.33 -67.45 -36.98
N LEU A 1733 6.80 -68.58 -36.53
CA LEU A 1733 5.37 -68.87 -36.58
C LEU A 1733 5.10 -70.03 -35.62
N GLN A 1734 3.88 -70.06 -35.09
CA GLN A 1734 3.48 -71.10 -34.14
C GLN A 1734 1.97 -71.29 -34.22
N ASP A 1735 1.54 -72.49 -33.89
CA ASP A 1735 0.12 -72.87 -33.92
C ASP A 1735 -0.55 -72.51 -35.24
#